data_2CHQ
#
_entry.id   2CHQ
#
_cell.length_a   109.169
_cell.length_b   109.169
_cell.length_c   257.068
_cell.angle_alpha   90.00
_cell.angle_beta   90.00
_cell.angle_gamma   120.00
#
_symmetry.space_group_name_H-M   'P 31 2 1'
#
loop_
_entity.id
_entity.type
_entity.pdbx_description
1 polymer 'REPLICATION FACTOR C SMALL SUBUNIT'
2 non-polymer 'PHOSPHOAMINOPHOSPHONIC ACID-ADENYLATE ESTER'
#
_entity_poly.entity_id   1
_entity_poly.type   'polypeptide(L)'
_entity_poly.pdbx_seq_one_letter_code
;MENFEIWVEKYRPRTLDEVVGQDEVIQRLKGYVERKNIPHLLFSGPPGTGKTATAIALARDLFGENWRDNFIEMNASDER
GIDVVRHKIKEFARTAPIGGAPFKIIFLDEADALTADAQAALRRTMEMYSKSCRFILSCNYVSRIIEPIQSRCAVFRFKP
VPKEAMKKRLLEICEKEGVKITEDGLEALIYISGGDFRKAINALQGAAAIGEVVDADTIYQITATARPEEMTELIQTALK
GNFMEARELLDRLMVEYGMSGEDIVAQLFREIISMPIKDSLKVQLIDKLGEVDFRLTEGANERIQLDAYLAYLSTLAKK
;
_entity_poly.pdbx_strand_id   A,B,C
#
loop_
_chem_comp.id
_chem_comp.type
_chem_comp.name
_chem_comp.formula
ANP non-polymer 'PHOSPHOAMINOPHOSPHONIC ACID-ADENYLATE ESTER' 'C10 H17 N6 O12 P3'
#
# COMPACT_ATOMS: atom_id res chain seq x y z
N ILE A 6 -3.63 -20.77 38.58
CA ILE A 6 -3.42 -20.07 37.28
C ILE A 6 -4.44 -20.45 36.12
N TRP A 7 -5.53 -21.02 36.62
CA TRP A 7 -6.65 -21.46 35.83
C TRP A 7 -6.54 -21.32 34.30
N VAL A 8 -6.20 -20.16 33.76
CA VAL A 8 -6.30 -20.01 32.29
C VAL A 8 -5.35 -20.98 31.59
N GLU A 9 -4.28 -21.32 32.30
CA GLU A 9 -3.35 -22.34 31.82
C GLU A 9 -3.71 -23.82 32.18
N LYS A 10 -3.79 -24.06 33.51
CA LYS A 10 -4.23 -25.31 34.09
C LYS A 10 -5.51 -25.84 33.45
N TYR A 11 -6.12 -25.11 32.51
CA TYR A 11 -7.29 -25.62 31.80
C TYR A 11 -7.17 -25.38 30.31
N ARG A 12 -5.95 -25.01 29.89
CA ARG A 12 -5.51 -25.10 28.46
C ARG A 12 -5.94 -26.49 28.00
N PRO A 13 -6.74 -26.52 26.93
CA PRO A 13 -7.20 -27.80 26.43
C PRO A 13 -5.94 -28.63 26.10
N ARG A 14 -6.02 -29.94 26.33
CA ARG A 14 -4.87 -30.83 26.15
C ARG A 14 -5.02 -31.62 24.83
N THR A 15 -6.19 -31.53 24.21
CA THR A 15 -6.45 -32.22 22.93
C THR A 15 -7.46 -31.42 22.12
N LEU A 16 -7.38 -31.55 20.79
CA LEU A 16 -8.37 -30.98 19.88
C LEU A 16 -9.80 -31.23 20.36
N ASP A 17 -10.15 -32.48 20.68
CA ASP A 17 -11.44 -32.78 21.36
C ASP A 17 -11.80 -31.78 22.50
N GLU A 18 -10.80 -31.32 23.26
CA GLU A 18 -11.05 -30.52 24.46
C GLU A 18 -11.30 -29.02 24.24
N VAL A 19 -10.96 -28.53 23.04
CA VAL A 19 -11.25 -27.15 22.65
C VAL A 19 -12.71 -27.07 22.20
N VAL A 20 -13.45 -26.10 22.72
CA VAL A 20 -14.89 -26.16 22.56
C VAL A 20 -15.43 -24.99 21.75
N GLY A 21 -16.67 -25.13 21.29
CA GLY A 21 -17.38 -24.07 20.58
C GLY A 21 -16.87 -23.82 19.17
N GLN A 22 -15.86 -24.56 18.78
CA GLN A 22 -15.20 -24.30 17.54
C GLN A 22 -15.25 -25.48 16.63
N ASP A 23 -16.26 -26.33 16.79
CA ASP A 23 -16.44 -27.52 15.93
C ASP A 23 -15.98 -27.20 14.51
N GLU A 24 -16.75 -26.34 13.83
CA GLU A 24 -16.31 -25.52 12.70
C GLU A 24 -14.88 -25.81 12.21
N VAL A 25 -13.91 -25.36 13.01
CA VAL A 25 -12.49 -25.59 12.75
C VAL A 25 -12.09 -27.00 13.13
N ILE A 26 -12.19 -27.31 14.43
CA ILE A 26 -11.67 -28.58 14.98
C ILE A 26 -12.13 -29.79 14.18
N GLN A 27 -13.43 -29.91 13.97
CA GLN A 27 -13.99 -30.99 13.14
C GLN A 27 -13.10 -31.29 11.94
N ARG A 28 -12.67 -30.24 11.25
CA ARG A 28 -11.89 -30.43 10.05
C ARG A 28 -10.39 -30.30 10.30
N LEU A 29 -10.03 -29.89 11.51
CA LEU A 29 -8.64 -29.80 11.90
C LEU A 29 -8.23 -31.14 12.46
N LYS A 30 -9.23 -31.96 12.80
CA LYS A 30 -9.03 -33.34 13.24
C LYS A 30 -8.57 -34.20 12.06
N GLY A 31 -9.16 -33.95 10.89
CA GLY A 31 -8.82 -34.67 9.66
C GLY A 31 -7.41 -34.39 9.18
N TYR A 32 -6.65 -33.65 9.99
CA TYR A 32 -5.24 -33.39 9.74
C TYR A 32 -4.36 -34.21 10.69
N VAL A 33 -4.97 -34.87 11.67
CA VAL A 33 -4.22 -35.72 12.61
C VAL A 33 -4.21 -37.19 12.21
N GLU A 34 -5.29 -37.62 11.56
CA GLU A 34 -5.40 -38.99 11.04
C GLU A 34 -4.42 -39.19 9.90
N ARG A 35 -4.33 -38.19 9.03
CA ARG A 35 -3.44 -38.24 7.87
C ARG A 35 -2.02 -37.80 8.23
N LYS A 36 -1.89 -37.07 9.32
CA LYS A 36 -0.63 -36.41 9.71
C LYS A 36 -0.10 -35.47 8.63
N ASN A 37 -1.02 -34.68 8.05
CA ASN A 37 -0.69 -33.56 7.18
C ASN A 37 -0.89 -32.27 7.94
N ILE A 38 0.03 -31.31 7.78
CA ILE A 38 -0.19 -29.92 8.22
C ILE A 38 0.34 -28.96 7.18
N PRO A 39 -0.54 -28.25 6.47
CA PRO A 39 -0.06 -27.10 5.72
C PRO A 39 -0.01 -25.95 6.70
N HIS A 40 0.65 -24.88 6.34
CA HIS A 40 0.74 -23.75 7.26
C HIS A 40 -0.65 -23.25 7.67
N LEU A 41 -0.92 -23.28 8.96
CA LEU A 41 -2.23 -22.93 9.41
C LEU A 41 -2.38 -21.43 9.59
N LEU A 42 -3.54 -20.89 9.26
CA LEU A 42 -3.85 -19.51 9.55
C LEU A 42 -5.05 -19.45 10.46
N PHE A 43 -4.81 -19.14 11.72
CA PHE A 43 -5.88 -19.03 12.65
C PHE A 43 -6.31 -17.61 12.74
N SER A 44 -7.56 -17.34 12.43
CA SER A 44 -8.09 -15.99 12.56
C SER A 44 -9.36 -15.89 13.41
N GLY A 45 -9.42 -14.91 14.30
CA GLY A 45 -10.62 -14.66 15.07
C GLY A 45 -10.42 -13.63 16.16
N PRO A 46 -11.46 -13.32 16.90
CA PRO A 46 -11.37 -12.46 18.05
C PRO A 46 -10.30 -12.92 19.05
N PRO A 47 -9.94 -12.10 20.07
CA PRO A 47 -8.92 -12.68 20.91
C PRO A 47 -9.63 -13.52 21.96
N GLY A 48 -8.92 -14.51 22.50
CA GLY A 48 -9.41 -15.31 23.60
C GLY A 48 -10.49 -16.27 23.17
N THR A 49 -10.29 -16.85 22.00
CA THR A 49 -11.23 -17.85 21.52
C THR A 49 -10.65 -19.22 21.30
N GLY A 50 -9.34 -19.29 21.20
CA GLY A 50 -8.73 -20.60 21.19
C GLY A 50 -7.75 -20.86 20.09
N LYS A 51 -7.28 -19.79 19.45
CA LYS A 51 -6.23 -19.96 18.50
C LYS A 51 -5.07 -20.59 19.26
N THR A 52 -4.35 -19.84 20.09
CA THR A 52 -3.23 -20.41 20.87
C THR A 52 -3.58 -21.80 21.42
N ALA A 53 -4.81 -21.96 21.91
CA ALA A 53 -5.23 -23.20 22.57
C ALA A 53 -5.20 -24.38 21.65
N THR A 54 -5.93 -24.28 20.55
CA THR A 54 -5.97 -25.36 19.60
C THR A 54 -4.66 -25.49 18.87
N ALA A 55 -3.94 -24.40 18.71
CA ALA A 55 -2.61 -24.47 18.14
C ALA A 55 -1.60 -25.12 19.11
N ILE A 56 -1.99 -25.31 20.36
CA ILE A 56 -1.24 -26.17 21.24
C ILE A 56 -1.79 -27.56 21.03
N ALA A 57 -3.06 -27.78 21.39
CA ALA A 57 -3.71 -29.09 21.31
C ALA A 57 -3.60 -29.76 19.95
N LEU A 58 -3.24 -28.99 18.92
CA LEU A 58 -2.99 -29.50 17.60
C LEU A 58 -1.57 -30.00 17.54
N ALA A 59 -0.67 -29.27 18.19
CA ALA A 59 0.70 -29.72 18.31
C ALA A 59 0.78 -30.87 19.31
N ARG A 60 -0.19 -30.92 20.22
CA ARG A 60 -0.19 -31.92 21.28
C ARG A 60 -0.74 -33.26 20.81
N ASP A 61 -1.72 -33.21 19.91
CA ASP A 61 -2.34 -34.43 19.38
C ASP A 61 -1.47 -35.17 18.38
N LEU A 62 -0.43 -34.51 17.89
CA LEU A 62 0.41 -35.08 16.86
C LEU A 62 1.76 -35.58 17.35
N PHE A 63 2.17 -35.13 18.53
CA PHE A 63 3.46 -35.52 19.09
C PHE A 63 3.36 -36.36 20.37
N GLY A 64 2.14 -36.46 20.91
CA GLY A 64 1.89 -37.25 22.11
C GLY A 64 2.45 -36.63 23.38
N GLU A 65 3.71 -36.96 23.67
CA GLU A 65 4.36 -36.51 24.91
C GLU A 65 5.54 -35.57 24.62
N ASN A 66 5.95 -35.50 23.36
CA ASN A 66 7.17 -34.77 22.99
C ASN A 66 6.94 -33.46 22.23
N TRP A 67 5.85 -32.77 22.55
CA TRP A 67 5.53 -31.50 21.87
C TRP A 67 6.41 -30.34 22.35
N ARG A 68 6.42 -30.09 23.66
CA ARG A 68 7.16 -28.97 24.25
C ARG A 68 8.57 -28.80 23.65
N ASP A 69 9.21 -29.91 23.33
CA ASP A 69 10.56 -29.91 22.76
C ASP A 69 10.65 -29.20 21.43
N ASN A 70 9.63 -29.37 20.61
CA ASN A 70 9.64 -28.88 19.22
C ASN A 70 8.90 -27.55 19.01
N PHE A 71 7.62 -27.54 19.39
CA PHE A 71 6.74 -26.37 19.26
C PHE A 71 7.25 -25.18 20.08
N ILE A 72 7.31 -24.01 19.43
CA ILE A 72 7.58 -22.76 20.13
C ILE A 72 6.63 -21.66 19.65
N GLU A 73 5.96 -21.02 20.60
CA GLU A 73 5.12 -19.85 20.36
C GLU A 73 5.94 -18.60 20.53
N MET A 74 5.83 -17.68 19.59
CA MET A 74 6.42 -16.37 19.79
C MET A 74 5.51 -15.33 19.21
N ASN A 75 5.62 -14.13 19.76
CA ASN A 75 4.80 -13.02 19.34
C ASN A 75 5.46 -12.30 18.18
N ALA A 76 4.74 -12.22 17.06
CA ALA A 76 5.27 -11.75 15.79
C ALA A 76 5.40 -10.24 15.71
N SER A 77 4.75 -9.53 16.63
CA SER A 77 4.73 -8.06 16.58
C SER A 77 6.01 -7.38 17.12
N ASP A 78 6.85 -8.13 17.85
CA ASP A 78 8.14 -7.61 18.38
C ASP A 78 9.23 -7.49 17.27
N GLU A 79 9.03 -6.51 16.38
CA GLU A 79 9.68 -6.34 15.03
C GLU A 79 11.12 -6.81 14.69
N ARG A 80 12.03 -6.77 15.67
CA ARG A 80 13.46 -7.03 15.44
C ARG A 80 13.90 -8.46 15.83
N GLY A 81 12.94 -9.37 15.89
CA GLY A 81 13.18 -10.74 16.34
C GLY A 81 12.70 -11.86 15.43
N ILE A 82 12.02 -11.50 14.32
CA ILE A 82 11.74 -12.42 13.21
C ILE A 82 13.08 -13.02 12.74
N ASP A 83 14.07 -12.14 12.65
CA ASP A 83 15.41 -12.47 12.18
C ASP A 83 16.34 -12.93 13.33
N VAL A 84 15.96 -12.68 14.58
CA VAL A 84 16.73 -13.19 15.73
C VAL A 84 16.24 -14.57 16.18
N VAL A 85 15.02 -14.93 15.80
CA VAL A 85 14.53 -16.29 15.99
C VAL A 85 14.40 -16.98 14.62
N ARG A 86 15.54 -17.00 13.92
CA ARG A 86 15.75 -17.76 12.68
C ARG A 86 16.74 -18.91 12.94
N HIS A 87 17.62 -18.72 13.93
CA HIS A 87 18.55 -19.78 14.34
C HIS A 87 17.79 -20.87 15.10
N LYS A 88 16.59 -20.54 15.54
CA LYS A 88 15.63 -21.52 16.06
C LYS A 88 14.96 -22.24 14.89
N ILE A 89 14.99 -21.63 13.71
CA ILE A 89 14.42 -22.22 12.51
C ILE A 89 15.35 -23.28 11.88
N LYS A 90 16.65 -23.19 12.13
CA LYS A 90 17.64 -24.11 11.51
C LYS A 90 17.98 -25.36 12.35
N GLU A 91 18.03 -25.20 13.67
CA GLU A 91 18.21 -26.34 14.61
C GLU A 91 16.94 -27.21 14.63
N PHE A 92 15.80 -26.53 14.59
CA PHE A 92 14.47 -27.14 14.60
C PHE A 92 14.18 -27.90 13.31
N ALA A 93 14.65 -27.36 12.18
CA ALA A 93 14.40 -27.93 10.85
C ALA A 93 15.35 -29.07 10.49
N ARG A 94 16.52 -29.11 11.14
CA ARG A 94 17.46 -30.19 10.95
C ARG A 94 17.13 -31.38 11.86
N THR A 95 16.43 -31.13 12.96
CA THR A 95 16.00 -32.22 13.87
C THR A 95 14.72 -32.90 13.40
N ALA A 96 14.83 -34.22 13.21
CA ALA A 96 13.70 -35.07 12.82
C ALA A 96 12.80 -35.30 14.03
N PRO A 97 11.47 -35.15 13.84
CA PRO A 97 10.54 -35.41 14.92
C PRO A 97 10.83 -36.76 15.55
N ILE A 98 11.29 -36.72 16.80
CA ILE A 98 11.74 -37.91 17.51
C ILE A 98 10.55 -38.83 17.82
N GLY A 99 10.60 -40.05 17.28
CA GLY A 99 9.55 -41.06 17.48
C GLY A 99 9.10 -41.81 16.22
N GLY A 100 8.37 -41.11 15.35
CA GLY A 100 7.87 -41.69 14.10
C GLY A 100 7.05 -40.75 13.23
N ALA A 101 7.05 -39.46 13.55
CA ALA A 101 6.33 -38.43 12.79
C ALA A 101 7.28 -37.67 11.85
N PRO A 102 6.76 -37.19 10.69
CA PRO A 102 7.61 -36.49 9.70
C PRO A 102 7.86 -34.98 9.89
N PHE A 103 6.94 -34.27 10.53
CA PHE A 103 6.94 -32.78 10.47
C PHE A 103 6.99 -32.05 11.83
N LYS A 104 7.13 -30.72 11.79
CA LYS A 104 7.29 -29.88 13.00
C LYS A 104 6.63 -28.48 12.91
N ILE A 105 6.40 -27.82 14.05
CA ILE A 105 5.52 -26.63 14.13
C ILE A 105 6.07 -25.40 14.86
N ILE A 106 5.77 -24.22 14.33
CA ILE A 106 6.07 -22.94 14.97
C ILE A 106 4.84 -22.04 14.96
N PHE A 107 4.48 -21.50 16.11
CA PHE A 107 3.29 -20.65 16.28
C PHE A 107 3.67 -19.17 16.35
N LEU A 108 2.84 -18.31 15.78
CA LEU A 108 3.20 -16.91 15.59
C LEU A 108 2.01 -16.02 15.92
N ASP A 109 1.91 -15.60 17.18
CA ASP A 109 0.79 -14.79 17.64
C ASP A 109 0.93 -13.41 17.06
N GLU A 110 -0.20 -12.78 16.76
CA GLU A 110 -0.23 -11.36 16.37
C GLU A 110 0.39 -11.07 15.00
N ALA A 111 0.39 -12.07 14.14
CA ALA A 111 0.88 -11.94 12.77
C ALA A 111 0.38 -10.66 12.16
N ASP A 112 -0.92 -10.37 12.27
CA ASP A 112 -1.49 -9.20 11.64
C ASP A 112 -1.06 -7.88 12.25
N ALA A 113 0.20 -7.77 12.64
CA ALA A 113 0.74 -6.51 13.11
C ALA A 113 1.86 -6.01 12.22
N LEU A 114 2.32 -6.85 11.30
CA LEU A 114 3.52 -6.55 10.52
C LEU A 114 3.21 -5.91 9.18
N THR A 115 4.16 -5.14 8.64
CA THR A 115 4.03 -4.58 7.29
C THR A 115 4.58 -5.59 6.28
N ALA A 116 4.14 -5.44 5.03
CA ALA A 116 4.43 -6.41 3.95
C ALA A 116 5.72 -7.24 4.08
N ASP A 117 6.83 -6.58 4.41
CA ASP A 117 8.18 -7.16 4.28
C ASP A 117 8.44 -8.44 5.10
N ALA A 118 8.33 -8.31 6.42
CA ALA A 118 8.60 -9.42 7.33
C ALA A 118 7.76 -10.65 6.96
N GLN A 119 6.59 -10.38 6.42
CA GLN A 119 5.66 -11.41 5.99
C GLN A 119 6.29 -12.35 4.94
N ALA A 120 7.04 -11.77 3.99
CA ALA A 120 7.74 -12.56 2.98
C ALA A 120 8.74 -13.58 3.55
N ALA A 121 9.55 -13.17 4.55
CA ALA A 121 10.64 -14.00 5.09
C ALA A 121 10.19 -15.40 5.55
N LEU A 122 8.88 -15.53 5.76
CA LEU A 122 8.23 -16.81 6.02
C LEU A 122 8.51 -17.76 4.87
N ARG A 123 8.36 -17.22 3.65
CA ARG A 123 8.25 -17.98 2.40
C ARG A 123 9.45 -18.87 2.02
N ARG A 124 10.65 -18.47 2.45
CA ARG A 124 11.88 -19.21 2.10
C ARG A 124 12.24 -20.26 3.18
N THR A 125 11.18 -20.77 3.81
CA THR A 125 11.23 -21.82 4.81
C THR A 125 9.92 -22.60 4.71
N MET A 126 9.03 -22.12 3.83
CA MET A 126 7.80 -22.83 3.46
C MET A 126 8.12 -23.95 2.45
N GLU A 127 8.59 -23.55 1.26
CA GLU A 127 9.04 -24.49 0.21
C GLU A 127 10.38 -25.15 0.54
N MET A 128 11.11 -24.57 1.48
CA MET A 128 12.36 -25.15 1.98
C MET A 128 12.07 -26.13 3.13
N TYR A 129 11.04 -25.81 3.93
CA TYR A 129 10.60 -26.70 5.01
C TYR A 129 9.07 -26.97 4.98
N SER A 130 8.62 -27.75 4.02
CA SER A 130 7.29 -28.37 4.06
C SER A 130 7.46 -29.88 4.08
N LYS A 131 8.71 -30.33 3.96
CA LYS A 131 9.09 -31.71 4.24
C LYS A 131 9.71 -31.80 5.65
N SER A 132 9.54 -30.73 6.44
CA SER A 132 10.05 -30.65 7.82
C SER A 132 9.34 -29.66 8.77
N CYS A 133 9.29 -28.37 8.40
CA CYS A 133 8.70 -27.32 9.25
C CYS A 133 7.31 -26.86 8.84
N ARG A 134 6.60 -26.24 9.78
CA ARG A 134 5.29 -25.68 9.53
C ARG A 134 4.99 -24.52 10.46
N PHE A 135 4.25 -23.54 9.95
CA PHE A 135 3.87 -22.37 10.71
C PHE A 135 2.39 -22.34 11.00
N ILE A 136 2.04 -21.87 12.19
CA ILE A 136 0.65 -21.56 12.49
C ILE A 136 0.54 -20.08 12.81
N LEU A 137 -0.15 -19.33 11.97
CA LEU A 137 -0.30 -17.87 12.09
C LEU A 137 -1.64 -17.45 12.72
N SER A 138 -1.56 -16.68 13.80
CA SER A 138 -2.78 -16.25 14.48
C SER A 138 -2.94 -14.81 14.22
N CYS A 139 -4.15 -14.42 13.88
CA CYS A 139 -4.42 -13.04 13.49
C CYS A 139 -5.85 -12.62 13.76
N ASN A 140 -6.03 -11.34 14.09
CA ASN A 140 -7.35 -10.85 14.46
C ASN A 140 -8.32 -10.97 13.29
N TYR A 141 -7.82 -10.72 12.10
CA TYR A 141 -8.66 -10.77 10.90
C TYR A 141 -7.84 -11.25 9.75
N VAL A 142 -8.47 -11.99 8.85
CA VAL A 142 -7.71 -12.61 7.80
C VAL A 142 -7.34 -11.55 6.80
N SER A 143 -8.29 -10.64 6.55
CA SER A 143 -8.07 -9.53 5.65
C SER A 143 -6.74 -8.81 5.85
N ARG A 144 -6.14 -8.90 7.03
CA ARG A 144 -4.96 -8.12 7.34
C ARG A 144 -3.64 -8.83 7.09
N ILE A 145 -3.70 -9.97 6.44
CA ILE A 145 -2.48 -10.69 6.14
C ILE A 145 -2.34 -10.80 4.65
N ILE A 146 -1.26 -10.20 4.13
CA ILE A 146 -1.14 -9.96 2.71
C ILE A 146 -1.27 -11.25 1.96
N GLU A 147 -1.91 -11.18 0.81
CA GLU A 147 -2.30 -12.35 0.05
C GLU A 147 -1.20 -13.41 -0.06
N PRO A 148 0.01 -13.05 -0.54
CA PRO A 148 1.08 -14.03 -0.68
C PRO A 148 1.24 -15.07 0.43
N ILE A 149 0.61 -14.88 1.59
CA ILE A 149 0.67 -15.88 2.66
C ILE A 149 -0.59 -16.71 2.75
N GLN A 150 -1.73 -16.04 2.76
CA GLN A 150 -3.00 -16.72 2.69
C GLN A 150 -2.89 -17.75 1.60
N SER A 151 -2.09 -17.40 0.61
CA SER A 151 -1.78 -18.24 -0.50
C SER A 151 -1.40 -19.61 0.00
N ARG A 152 -0.34 -19.66 0.80
CA ARG A 152 0.15 -20.91 1.31
C ARG A 152 -0.32 -21.23 2.70
N CYS A 153 -1.61 -21.07 2.95
CA CYS A 153 -2.14 -21.40 4.25
C CYS A 153 -3.51 -22.00 4.13
N ALA A 154 -3.74 -23.06 4.89
CA ALA A 154 -5.11 -23.47 5.15
C ALA A 154 -5.59 -22.48 6.21
N VAL A 155 -6.86 -22.07 6.12
CA VAL A 155 -7.36 -20.98 6.94
C VAL A 155 -8.49 -21.37 7.86
N PHE A 156 -8.47 -20.88 9.08
CA PHE A 156 -9.50 -21.22 10.04
C PHE A 156 -10.03 -20.00 10.77
N ARG A 157 -11.33 -19.73 10.63
CA ARG A 157 -11.95 -18.59 11.29
C ARG A 157 -12.60 -19.00 12.61
N PHE A 158 -11.92 -18.70 13.71
CA PHE A 158 -12.46 -18.86 15.04
C PHE A 158 -13.54 -17.83 15.30
N LYS A 159 -14.63 -18.31 15.89
CA LYS A 159 -15.77 -17.48 16.17
C LYS A 159 -15.83 -17.32 17.66
N PRO A 160 -16.38 -16.20 18.16
CA PRO A 160 -16.55 -15.99 19.58
C PRO A 160 -17.39 -17.11 20.16
N VAL A 161 -16.88 -17.76 21.20
CA VAL A 161 -17.52 -18.94 21.81
C VAL A 161 -18.79 -18.61 22.63
N PRO A 162 -19.91 -19.12 22.29
CA PRO A 162 -21.22 -18.70 22.74
C PRO A 162 -21.35 -18.59 24.23
N LYS A 163 -22.50 -18.16 24.72
CA LYS A 163 -22.72 -18.03 26.17
C LYS A 163 -22.59 -19.35 26.95
N GLU A 164 -23.53 -20.28 26.74
CA GLU A 164 -23.64 -21.51 27.54
C GLU A 164 -22.34 -22.28 27.52
N ALA A 165 -21.74 -22.41 26.35
CA ALA A 165 -20.53 -23.21 26.22
C ALA A 165 -19.40 -22.68 27.08
N MET A 166 -19.37 -21.38 27.32
CA MET A 166 -18.33 -20.79 28.14
C MET A 166 -18.77 -20.88 29.55
N LYS A 167 -20.06 -20.62 29.77
CA LYS A 167 -20.63 -20.74 31.09
C LYS A 167 -20.42 -22.16 31.67
N LYS A 168 -20.53 -23.18 30.80
CA LYS A 168 -20.37 -24.57 31.24
C LYS A 168 -18.91 -24.79 31.61
N ARG A 169 -17.98 -24.39 30.75
CA ARG A 169 -16.57 -24.65 31.00
C ARG A 169 -16.08 -23.78 32.13
N LEU A 170 -16.82 -22.76 32.49
CA LEU A 170 -16.38 -22.00 33.62
C LEU A 170 -16.68 -22.78 34.85
N LEU A 171 -17.87 -23.35 34.93
CA LEU A 171 -18.23 -24.22 36.05
C LEU A 171 -17.29 -25.39 36.25
N GLU A 172 -17.07 -26.16 35.19
CA GLU A 172 -16.05 -27.19 35.27
C GLU A 172 -14.79 -26.65 35.94
N ILE A 173 -14.35 -25.44 35.57
CA ILE A 173 -13.11 -24.88 36.10
C ILE A 173 -13.31 -24.62 37.57
N CYS A 174 -14.56 -24.50 38.01
CA CYS A 174 -14.85 -24.20 39.42
C CYS A 174 -15.04 -25.44 40.25
N GLU A 175 -16.16 -26.11 40.02
CA GLU A 175 -16.39 -27.37 40.68
C GLU A 175 -15.03 -28.05 40.95
N LYS A 176 -14.19 -28.16 39.93
CA LYS A 176 -12.86 -28.77 40.07
C LYS A 176 -11.80 -27.92 40.74
N GLU A 177 -12.22 -26.88 41.45
CA GLU A 177 -11.30 -25.98 42.12
C GLU A 177 -11.93 -25.43 43.35
N GLY A 178 -13.08 -26.01 43.68
CA GLY A 178 -13.77 -25.71 44.92
C GLY A 178 -13.97 -24.24 45.12
N VAL A 179 -14.62 -23.63 44.14
CA VAL A 179 -14.93 -22.21 44.19
C VAL A 179 -16.42 -22.13 44.00
N LYS A 180 -17.04 -21.22 44.73
CA LYS A 180 -18.48 -21.15 44.73
C LYS A 180 -19.00 -19.97 43.93
N ILE A 181 -19.30 -20.09 42.66
CA ILE A 181 -19.85 -18.92 41.99
C ILE A 181 -21.31 -18.97 42.30
N THR A 182 -22.03 -17.86 42.15
CA THR A 182 -23.47 -17.91 42.17
C THR A 182 -23.90 -17.83 40.73
N GLU A 183 -25.21 -17.83 40.47
CA GLU A 183 -25.68 -17.59 39.10
C GLU A 183 -25.28 -16.22 38.62
N ASP A 184 -25.56 -15.21 39.45
CA ASP A 184 -25.11 -13.83 39.32
C ASP A 184 -23.69 -13.71 38.86
N GLY A 185 -22.82 -14.40 39.55
CA GLY A 185 -21.40 -14.31 39.34
C GLY A 185 -21.00 -14.89 38.03
N LEU A 186 -21.70 -15.90 37.60
CA LEU A 186 -21.43 -16.45 36.30
C LEU A 186 -21.85 -15.51 35.16
N GLU A 187 -23.12 -15.14 35.13
CA GLU A 187 -23.66 -14.21 34.15
C GLU A 187 -22.84 -12.92 34.13
N ALA A 188 -22.45 -12.46 35.31
CA ALA A 188 -21.60 -11.29 35.41
C ALA A 188 -20.23 -11.59 34.78
N LEU A 189 -19.63 -12.70 35.16
CA LEU A 189 -18.34 -13.12 34.64
C LEU A 189 -18.32 -13.25 33.11
N ILE A 190 -19.36 -12.74 32.46
CA ILE A 190 -19.57 -12.99 31.06
C ILE A 190 -19.93 -11.68 30.40
N TYR A 191 -20.64 -10.81 31.12
CA TYR A 191 -20.76 -9.41 30.76
C TYR A 191 -19.30 -8.99 30.57
N ILE A 192 -18.51 -9.08 31.63
CA ILE A 192 -17.05 -8.99 31.58
C ILE A 192 -16.37 -9.61 30.38
N SER A 193 -16.53 -10.91 30.20
CA SER A 193 -15.69 -11.69 29.30
C SER A 193 -15.71 -11.28 27.84
N GLY A 194 -16.73 -10.55 27.42
CA GLY A 194 -16.84 -10.17 26.02
C GLY A 194 -16.83 -11.33 25.05
N GLY A 195 -16.78 -12.53 25.61
CA GLY A 195 -16.76 -13.75 24.83
C GLY A 195 -15.32 -14.15 24.60
N ASP A 196 -14.50 -13.93 25.62
CA ASP A 196 -13.07 -14.06 25.52
C ASP A 196 -12.62 -14.75 26.76
N PHE A 197 -12.27 -16.02 26.66
CA PHE A 197 -11.92 -16.82 27.83
C PHE A 197 -10.83 -16.21 28.70
N ARG A 198 -9.69 -15.91 28.09
CA ARG A 198 -8.55 -15.42 28.83
C ARG A 198 -9.06 -14.41 29.84
N LYS A 199 -9.86 -13.47 29.37
CA LYS A 199 -10.40 -12.43 30.22
C LYS A 199 -11.28 -13.06 31.27
N ALA A 200 -12.07 -14.06 30.88
CA ALA A 200 -13.04 -14.67 31.76
C ALA A 200 -12.41 -15.52 32.83
N ILE A 201 -11.58 -16.48 32.41
CA ILE A 201 -10.88 -17.36 33.34
C ILE A 201 -10.08 -16.51 34.34
N ASN A 202 -9.09 -15.79 33.83
CA ASN A 202 -8.30 -14.81 34.56
C ASN A 202 -9.07 -14.01 35.58
N ALA A 203 -10.29 -13.61 35.26
CA ALA A 203 -11.05 -12.82 36.21
C ALA A 203 -11.48 -13.74 37.29
N LEU A 204 -12.08 -14.86 36.92
CA LEU A 204 -12.58 -15.85 37.87
C LEU A 204 -11.51 -16.21 38.90
N GLN A 205 -10.38 -16.71 38.40
CA GLN A 205 -9.12 -16.85 39.12
C GLN A 205 -8.96 -15.81 40.20
N GLY A 206 -9.05 -14.55 39.79
CA GLY A 206 -8.86 -13.40 40.68
C GLY A 206 -9.96 -13.24 41.73
N ALA A 207 -11.15 -13.74 41.44
CA ALA A 207 -12.19 -13.74 42.43
C ALA A 207 -12.01 -14.97 43.30
N ALA A 208 -11.40 -15.99 42.76
CA ALA A 208 -11.25 -17.23 43.49
C ALA A 208 -10.23 -17.03 44.56
N ALA A 209 -9.18 -16.30 44.21
CA ALA A 209 -8.08 -15.99 45.11
C ALA A 209 -8.59 -15.50 46.47
N ILE A 210 -9.61 -14.65 46.44
CA ILE A 210 -10.15 -14.02 47.64
C ILE A 210 -10.97 -14.99 48.50
N GLY A 211 -11.86 -14.44 49.32
CA GLY A 211 -12.65 -15.23 50.27
C GLY A 211 -13.97 -15.74 49.73
N GLU A 212 -13.95 -16.98 49.31
CA GLU A 212 -15.19 -17.73 49.16
C GLU A 212 -16.13 -17.15 48.14
N VAL A 213 -17.41 -17.09 48.50
CA VAL A 213 -18.53 -17.02 47.57
C VAL A 213 -18.28 -16.00 46.51
N VAL A 214 -18.48 -16.33 45.24
CA VAL A 214 -18.16 -15.41 44.17
C VAL A 214 -19.43 -14.79 43.59
N ASP A 215 -19.67 -13.54 43.98
CA ASP A 215 -20.90 -12.84 43.74
C ASP A 215 -20.84 -12.10 42.43
N ALA A 216 -22.02 -11.63 41.99
CA ALA A 216 -22.14 -10.69 40.86
C ALA A 216 -21.10 -9.61 40.99
N ASP A 217 -21.14 -8.96 42.16
CA ASP A 217 -20.26 -7.88 42.54
C ASP A 217 -18.82 -8.28 42.59
N THR A 218 -18.50 -9.31 43.34
CA THR A 218 -17.10 -9.59 43.51
C THR A 218 -16.46 -9.61 42.11
N ILE A 219 -17.27 -9.92 41.11
CA ILE A 219 -16.79 -9.94 39.70
C ILE A 219 -16.67 -8.53 39.03
N TYR A 220 -17.73 -7.74 39.07
CA TYR A 220 -17.66 -6.36 38.66
C TYR A 220 -16.51 -5.56 39.34
N GLN A 221 -16.17 -5.92 40.57
CA GLN A 221 -15.14 -5.23 41.27
C GLN A 221 -13.81 -5.59 40.67
N ILE A 222 -13.51 -6.90 40.62
CA ILE A 222 -12.15 -7.36 40.32
C ILE A 222 -11.68 -6.97 38.94
N THR A 223 -12.63 -6.68 38.08
CA THR A 223 -12.29 -6.24 36.76
C THR A 223 -12.40 -4.69 36.63
N ALA A 224 -12.93 -4.04 37.66
CA ALA A 224 -13.27 -2.60 37.62
C ALA A 224 -14.23 -2.35 36.50
N THR A 225 -15.50 -2.35 36.78
CA THR A 225 -16.48 -2.17 35.74
C THR A 225 -17.76 -1.77 36.40
N ALA A 226 -18.37 -0.73 35.89
CA ALA A 226 -19.61 -0.25 36.45
C ALA A 226 -20.69 -1.32 36.47
N ARG A 227 -21.36 -1.46 37.61
CA ARG A 227 -22.60 -2.22 37.70
C ARG A 227 -23.54 -1.72 36.60
N PRO A 228 -24.02 -2.63 35.76
CA PRO A 228 -24.96 -2.27 34.73
C PRO A 228 -26.22 -1.63 35.24
N GLU A 229 -26.59 -1.89 36.48
CA GLU A 229 -27.72 -1.16 37.07
C GLU A 229 -27.45 0.35 37.09
N GLU A 230 -26.24 0.73 37.46
CA GLU A 230 -25.86 2.14 37.63
C GLU A 230 -25.93 2.89 36.31
N MET A 231 -25.25 2.38 35.28
CA MET A 231 -25.33 2.93 33.94
C MET A 231 -26.76 3.22 33.55
N THR A 232 -27.60 2.20 33.48
CA THR A 232 -28.96 2.42 33.01
C THR A 232 -29.81 3.21 34.00
N GLU A 233 -29.24 3.51 35.16
CA GLU A 233 -29.87 4.40 36.10
C GLU A 233 -29.47 5.80 35.70
N LEU A 234 -28.19 5.98 35.34
CA LEU A 234 -27.70 7.29 34.99
C LEU A 234 -28.27 7.69 33.66
N ILE A 235 -28.29 6.78 32.68
CA ILE A 235 -28.89 7.09 31.37
C ILE A 235 -30.36 7.38 31.57
N GLN A 236 -30.94 6.80 32.60
CA GLN A 236 -32.34 7.06 32.82
C GLN A 236 -32.55 8.40 33.43
N THR A 237 -31.96 8.68 34.59
CA THR A 237 -32.17 9.98 35.21
C THR A 237 -31.70 11.11 34.32
N ALA A 238 -30.93 10.80 33.27
CA ALA A 238 -30.50 11.81 32.31
C ALA A 238 -31.66 12.10 31.41
N LEU A 239 -32.30 11.04 30.94
CA LEU A 239 -33.38 11.17 29.98
C LEU A 239 -34.57 11.83 30.61
N LYS A 240 -34.72 11.65 31.91
CA LYS A 240 -35.83 12.24 32.61
C LYS A 240 -35.69 13.75 32.70
N GLY A 241 -34.47 14.25 32.80
CA GLY A 241 -34.30 15.70 32.74
C GLY A 241 -33.34 16.19 33.77
N ASN A 242 -33.01 15.32 34.71
CA ASN A 242 -32.14 15.67 35.83
C ASN A 242 -30.65 15.76 35.50
N PHE A 243 -30.31 16.68 34.62
CA PHE A 243 -28.94 16.81 34.19
C PHE A 243 -27.90 16.82 35.33
N MET A 244 -28.10 17.69 36.33
CA MET A 244 -27.09 17.87 37.38
C MET A 244 -26.92 16.56 38.13
N GLU A 245 -28.03 15.85 38.28
CA GLU A 245 -28.03 14.59 38.98
C GLU A 245 -27.21 13.58 38.19
N ALA A 246 -27.51 13.42 36.91
CA ALA A 246 -26.76 12.49 36.07
C ALA A 246 -25.25 12.79 36.12
N ARG A 247 -24.91 14.07 36.09
CA ARG A 247 -23.53 14.51 35.99
C ARG A 247 -22.82 14.06 37.23
N GLU A 248 -23.55 14.20 38.34
CA GLU A 248 -23.13 13.71 39.63
C GLU A 248 -22.82 12.23 39.58
N LEU A 249 -23.75 11.44 39.04
CA LEU A 249 -23.60 10.01 39.03
C LEU A 249 -22.39 9.60 38.27
N LEU A 250 -22.38 9.93 36.99
CA LEU A 250 -21.26 9.61 36.13
C LEU A 250 -19.91 9.98 36.77
N ASP A 251 -19.86 11.11 37.48
CA ASP A 251 -18.64 11.54 38.15
C ASP A 251 -18.26 10.53 39.20
N ARG A 252 -19.13 10.34 40.21
CA ARG A 252 -18.93 9.33 41.28
C ARG A 252 -18.52 8.04 40.63
N LEU A 253 -19.18 7.79 39.49
CA LEU A 253 -19.13 6.51 38.80
C LEU A 253 -17.77 6.34 38.20
N MET A 254 -17.23 7.47 37.76
CA MET A 254 -15.98 7.44 37.09
C MET A 254 -14.88 7.40 38.09
N VAL A 255 -15.13 7.73 39.34
CA VAL A 255 -14.06 7.45 40.25
C VAL A 255 -14.17 6.12 40.93
N GLU A 256 -15.37 5.75 41.37
CA GLU A 256 -15.55 4.45 42.03
C GLU A 256 -14.64 3.40 41.36
N TYR A 257 -14.59 3.40 40.03
CA TYR A 257 -13.83 2.37 39.30
C TYR A 257 -12.70 2.95 38.42
N GLY A 258 -12.79 4.25 38.13
CA GLY A 258 -11.69 4.98 37.47
C GLY A 258 -11.54 4.65 36.01
N MET A 259 -12.62 4.76 35.23
CA MET A 259 -12.65 4.30 33.83
C MET A 259 -12.13 5.39 32.95
N SER A 260 -11.60 5.03 31.79
CA SER A 260 -11.24 6.00 30.77
C SER A 260 -12.47 6.69 30.17
N GLY A 261 -12.27 7.45 29.10
CA GLY A 261 -13.40 8.09 28.45
C GLY A 261 -14.00 7.08 27.52
N GLU A 262 -13.12 6.49 26.73
CA GLU A 262 -13.45 5.37 25.93
C GLU A 262 -14.21 4.38 26.82
N ASP A 263 -13.59 3.88 27.88
CA ASP A 263 -14.29 2.94 28.77
C ASP A 263 -15.71 3.33 29.14
N ILE A 264 -15.93 4.55 29.62
CA ILE A 264 -17.29 4.97 29.86
C ILE A 264 -18.15 4.94 28.60
N VAL A 265 -17.65 5.49 27.49
CA VAL A 265 -18.43 5.57 26.27
C VAL A 265 -18.82 4.17 25.81
N ALA A 266 -17.95 3.20 26.09
CA ALA A 266 -18.22 1.80 25.79
C ALA A 266 -19.43 1.33 26.62
N GLN A 267 -19.35 1.14 27.91
CA GLN A 267 -20.57 0.74 28.59
C GLN A 267 -21.75 1.66 28.33
N LEU A 268 -21.54 2.93 28.10
CA LEU A 268 -22.68 3.74 27.74
C LEU A 268 -23.41 3.11 26.57
N PHE A 269 -22.68 2.78 25.48
CA PHE A 269 -23.17 1.98 24.37
C PHE A 269 -23.90 0.75 24.83
N ARG A 270 -23.20 -0.29 25.28
CA ARG A 270 -23.88 -1.51 25.77
C ARG A 270 -25.23 -1.24 26.37
N GLU A 271 -25.28 -0.40 27.38
CA GLU A 271 -26.53 -0.23 28.09
C GLU A 271 -27.50 0.63 27.34
N ILE A 272 -27.03 1.34 26.33
CA ILE A 272 -27.95 2.11 25.54
C ILE A 272 -28.60 1.15 24.61
N ILE A 273 -27.92 0.08 24.26
CA ILE A 273 -28.43 -0.86 23.24
C ILE A 273 -29.41 -1.78 23.91
N SER A 274 -29.03 -2.26 25.09
CA SER A 274 -29.85 -3.17 25.84
C SER A 274 -30.79 -2.40 26.76
N MET A 275 -31.15 -1.20 26.34
CA MET A 275 -32.26 -0.49 26.96
C MET A 275 -33.45 -1.18 26.34
N PRO A 276 -34.61 -1.17 27.03
CA PRO A 276 -35.82 -1.57 26.35
C PRO A 276 -36.59 -0.39 25.77
N ILE A 277 -35.91 0.66 25.31
CA ILE A 277 -36.61 1.76 24.68
C ILE A 277 -36.76 1.52 23.18
N LYS A 278 -37.57 2.36 22.53
CA LYS A 278 -37.92 2.24 21.11
C LYS A 278 -36.74 2.28 20.19
N ASP A 279 -36.78 1.44 19.16
CA ASP A 279 -35.85 1.51 18.03
C ASP A 279 -35.82 2.91 17.42
N SER A 280 -36.71 3.80 17.83
CA SER A 280 -36.80 5.13 17.21
C SER A 280 -35.86 6.14 17.88
N LEU A 281 -35.80 6.06 19.19
CA LEU A 281 -35.00 6.95 20.01
C LEU A 281 -33.60 6.37 20.17
N LYS A 282 -33.50 5.07 20.48
CA LYS A 282 -32.20 4.38 20.58
C LYS A 282 -31.20 4.84 19.49
N VAL A 283 -31.72 5.18 18.31
CA VAL A 283 -30.91 5.69 17.22
C VAL A 283 -30.33 7.03 17.61
N GLN A 284 -31.21 8.00 17.81
CA GLN A 284 -30.79 9.32 18.25
C GLN A 284 -29.68 9.21 19.28
N LEU A 285 -29.91 8.45 20.35
CA LEU A 285 -28.85 8.20 21.35
C LEU A 285 -27.52 7.69 20.80
N ILE A 286 -27.58 6.58 20.02
CA ILE A 286 -26.39 6.02 19.43
C ILE A 286 -25.72 6.91 18.37
N ASP A 287 -26.49 7.54 17.50
CA ASP A 287 -25.91 8.47 16.58
C ASP A 287 -25.00 9.46 17.29
N LYS A 288 -25.53 10.10 18.31
CA LYS A 288 -24.79 11.05 19.14
C LYS A 288 -23.61 10.41 19.90
N LEU A 289 -23.82 9.27 20.57
CA LEU A 289 -22.67 8.54 21.11
C LEU A 289 -21.55 8.30 20.13
N GLY A 290 -21.93 8.18 18.88
CA GLY A 290 -20.99 7.90 17.84
C GLY A 290 -20.25 9.15 17.64
N GLU A 291 -20.90 10.26 17.98
CA GLU A 291 -20.29 11.58 17.86
C GLU A 291 -19.30 11.81 18.96
N VAL A 292 -19.80 11.81 20.19
CA VAL A 292 -18.98 11.85 21.38
C VAL A 292 -17.72 11.03 21.23
N ASP A 293 -17.84 9.75 20.94
CA ASP A 293 -16.68 8.87 20.91
C ASP A 293 -15.65 9.33 19.93
N PHE A 294 -16.11 9.95 18.87
CA PHE A 294 -15.18 10.51 17.91
C PHE A 294 -14.45 11.66 18.60
N ARG A 295 -15.17 12.78 18.86
CA ARG A 295 -14.66 13.89 19.67
C ARG A 295 -13.53 13.32 20.53
N LEU A 296 -13.83 12.56 21.59
CA LEU A 296 -12.79 11.97 22.43
C LEU A 296 -11.55 11.41 21.75
N THR A 297 -11.69 10.64 20.69
CA THR A 297 -10.49 10.04 20.11
C THR A 297 -9.65 11.05 19.35
N GLU A 298 -10.31 12.09 18.82
CA GLU A 298 -9.62 13.26 18.30
C GLU A 298 -8.90 14.05 19.41
N GLY A 299 -9.10 13.64 20.67
CA GLY A 299 -8.45 14.25 21.82
C GLY A 299 -9.12 15.47 22.43
N ALA A 300 -10.42 15.67 22.19
CA ALA A 300 -11.12 16.76 22.83
C ALA A 300 -11.30 16.35 24.26
N ASN A 301 -12.09 17.13 25.00
CA ASN A 301 -12.06 16.99 26.44
C ASN A 301 -13.07 16.07 27.08
N GLU A 302 -12.53 15.01 27.68
CA GLU A 302 -13.31 13.98 28.36
C GLU A 302 -14.48 14.50 29.18
N ARG A 303 -14.20 15.30 30.20
CA ARG A 303 -15.26 15.76 31.07
C ARG A 303 -16.31 16.50 30.28
N ILE A 304 -15.86 17.24 29.27
CA ILE A 304 -16.81 18.15 28.63
C ILE A 304 -17.68 17.46 27.64
N GLN A 305 -17.08 16.71 26.72
CA GLN A 305 -17.85 15.88 25.82
C GLN A 305 -18.82 14.90 26.50
N LEU A 306 -18.38 14.24 27.59
CA LEU A 306 -19.24 13.34 28.34
C LEU A 306 -20.45 14.01 28.90
N ASP A 307 -20.23 14.95 29.81
CA ASP A 307 -21.30 15.78 30.40
C ASP A 307 -22.16 16.39 29.28
N ALA A 308 -21.47 16.83 28.22
CA ALA A 308 -22.06 17.36 27.00
C ALA A 308 -22.98 16.36 26.36
N TYR A 309 -22.76 15.07 26.60
CA TYR A 309 -23.65 14.06 26.07
C TYR A 309 -24.77 13.80 27.04
N LEU A 310 -24.56 13.99 28.34
CA LEU A 310 -25.70 13.86 29.26
C LEU A 310 -26.62 15.02 29.05
N ALA A 311 -26.03 16.13 28.63
CA ALA A 311 -26.78 17.28 28.28
C ALA A 311 -27.68 16.86 27.15
N TYR A 312 -27.13 16.21 26.12
CA TYR A 312 -27.92 15.79 24.95
C TYR A 312 -29.18 15.14 25.42
N LEU A 313 -29.02 14.13 26.27
CA LEU A 313 -30.12 13.25 26.67
C LEU A 313 -31.18 14.00 27.42
N SER A 314 -30.80 15.13 27.97
CA SER A 314 -31.73 15.86 28.79
C SER A 314 -32.45 16.93 27.98
N THR A 315 -32.07 17.11 26.73
CA THR A 315 -32.96 17.91 25.90
C THR A 315 -34.17 17.07 25.52
N LEU A 316 -33.95 15.80 25.13
CA LEU A 316 -35.03 14.91 24.62
C LEU A 316 -36.03 14.49 25.70
N ALA A 317 -36.05 15.26 26.81
CA ALA A 317 -37.08 15.15 27.86
C ALA A 317 -38.50 15.36 27.29
N LYS A 318 -38.70 16.46 26.55
CA LYS A 318 -39.93 16.71 25.78
C LYS A 318 -39.66 16.82 24.26
N LYS A 319 -38.99 15.95 23.68
N ILE B 6 -0.49 -26.01 -4.10
CA ILE B 6 -0.09 -24.54 -4.12
C ILE B 6 -0.48 -23.57 -5.30
N TRP B 7 -1.56 -23.94 -5.93
CA TRP B 7 -2.14 -23.36 -7.16
C TRP B 7 -1.59 -22.06 -7.78
N VAL B 8 -1.41 -21.04 -6.95
CA VAL B 8 -0.99 -19.75 -7.51
C VAL B 8 0.41 -19.92 -8.13
N GLU B 9 1.19 -20.90 -7.63
CA GLU B 9 2.47 -21.24 -8.27
C GLU B 9 2.37 -22.23 -9.46
N LYS B 10 1.85 -23.43 -9.11
CA LYS B 10 1.56 -24.47 -10.07
C LYS B 10 0.82 -23.98 -11.34
N TYR B 11 0.40 -22.71 -11.37
CA TYR B 11 -0.30 -22.15 -12.54
C TYR B 11 0.27 -20.80 -12.97
N ARG B 12 1.43 -20.48 -12.37
CA ARG B 12 2.37 -19.45 -12.87
C ARG B 12 2.47 -19.71 -14.37
N PRO B 13 2.07 -18.70 -15.17
CA PRO B 13 2.11 -18.91 -16.63
C PRO B 13 3.55 -19.20 -16.94
N ARG B 14 3.74 -20.06 -17.94
CA ARG B 14 5.07 -20.55 -18.30
C ARG B 14 5.58 -19.91 -19.61
N THR B 15 4.74 -19.07 -20.24
CA THR B 15 5.09 -18.33 -21.46
C THR B 15 4.26 -17.07 -21.54
N LEU B 16 4.85 -16.03 -22.13
CA LEU B 16 4.09 -14.82 -22.45
C LEU B 16 2.64 -15.11 -22.93
N ASP B 17 2.50 -15.94 -24.00
CA ASP B 17 1.18 -16.43 -24.47
C ASP B 17 0.23 -16.85 -23.33
N GLU B 18 0.76 -17.39 -22.22
CA GLU B 18 -0.05 -17.92 -21.10
C GLU B 18 -0.50 -16.90 -20.05
N VAL B 19 0.06 -15.69 -20.08
CA VAL B 19 -0.40 -14.61 -19.21
C VAL B 19 -1.62 -13.98 -19.86
N VAL B 20 -2.68 -13.76 -19.11
CA VAL B 20 -3.93 -13.41 -19.75
C VAL B 20 -4.47 -12.06 -19.29
N GLY B 21 -5.40 -11.51 -20.08
CA GLY B 21 -6.03 -10.23 -19.78
C GLY B 21 -5.15 -9.01 -19.98
N GLN B 22 -3.94 -9.24 -20.46
CA GLN B 22 -2.98 -8.18 -20.54
C GLN B 22 -2.45 -8.02 -21.94
N ASP B 23 -3.23 -8.42 -22.93
CA ASP B 23 -2.81 -8.26 -24.32
C ASP B 23 -2.00 -6.97 -24.49
N GLU B 24 -2.67 -5.84 -24.33
CA GLU B 24 -2.06 -4.56 -23.99
C GLU B 24 -0.54 -4.58 -23.88
N VAL B 25 -0.04 -5.22 -22.82
CA VAL B 25 1.39 -5.34 -22.58
C VAL B 25 1.98 -6.44 -23.41
N ILE B 26 1.56 -7.68 -23.15
CA ILE B 26 2.14 -8.87 -23.80
C ILE B 26 2.27 -8.75 -25.33
N GLN B 27 1.17 -8.42 -26.01
CA GLN B 27 1.20 -8.18 -27.46
C GLN B 27 2.49 -7.48 -27.88
N ARG B 28 2.86 -6.43 -27.14
CA ARG B 28 4.02 -5.65 -27.50
C ARG B 28 5.27 -6.06 -26.72
N LEU B 29 5.10 -6.94 -25.76
CA LEU B 29 6.21 -7.46 -24.99
C LEU B 29 6.71 -8.70 -25.71
N LYS B 30 5.90 -9.22 -26.61
CA LYS B 30 6.27 -10.33 -27.49
C LYS B 30 7.28 -9.86 -28.53
N GLY B 31 7.07 -8.65 -29.05
CA GLY B 31 7.97 -8.05 -30.04
C GLY B 31 9.35 -7.74 -29.48
N TYR B 32 9.58 -8.17 -28.24
CA TYR B 32 10.88 -8.08 -27.61
C TYR B 32 11.56 -9.46 -27.54
N VAL B 33 10.83 -10.51 -27.90
CA VAL B 33 11.41 -11.87 -27.91
C VAL B 33 11.91 -12.29 -29.29
N GLU B 34 11.24 -11.79 -30.33
CA GLU B 34 11.64 -12.04 -31.71
C GLU B 34 12.97 -11.36 -31.99
N ARG B 35 13.12 -10.13 -31.51
CA ARG B 35 14.32 -9.33 -31.72
C ARG B 35 15.39 -9.66 -30.69
N LYS B 36 14.96 -10.22 -29.56
CA LYS B 36 15.82 -10.43 -28.38
C LYS B 36 16.46 -9.13 -27.88
N ASN B 37 15.64 -8.07 -27.83
CA ASN B 37 15.95 -6.81 -27.16
C ASN B 37 15.20 -6.73 -25.85
N ILE B 38 15.86 -6.25 -24.80
CA ILE B 38 15.19 -5.89 -23.54
C ILE B 38 15.80 -4.60 -23.02
N PRO B 39 15.05 -3.50 -23.07
CA PRO B 39 15.45 -2.36 -22.26
C PRO B 39 14.89 -2.60 -20.89
N HIS B 40 15.33 -1.83 -19.90
CA HIS B 40 14.84 -2.02 -18.56
C HIS B 40 13.32 -1.86 -18.51
N LEU B 41 12.64 -2.89 -18.06
CA LEU B 41 11.21 -2.90 -18.05
C LEU B 41 10.66 -2.27 -16.78
N LEU B 42 9.62 -1.47 -16.94
CA LEU B 42 8.88 -0.96 -15.78
C LEU B 42 7.48 -1.49 -15.83
N PHE B 43 7.19 -2.41 -14.92
CA PHE B 43 5.89 -2.99 -14.80
C PHE B 43 5.16 -2.25 -13.71
N SER B 44 4.03 -1.67 -14.08
CA SER B 44 3.21 -0.97 -13.13
C SER B 44 1.75 -1.45 -13.17
N GLY B 45 1.15 -1.68 -12.01
CA GLY B 45 -0.27 -1.97 -11.96
C GLY B 45 -0.71 -2.43 -10.59
N PRO B 46 -1.99 -2.72 -10.41
CA PRO B 46 -2.52 -3.20 -9.14
C PRO B 46 -1.78 -4.47 -8.72
N PRO B 47 -1.96 -4.95 -7.46
CA PRO B 47 -1.17 -6.13 -7.16
C PRO B 47 -1.97 -7.33 -7.66
N GLY B 48 -1.27 -8.41 -7.90
CA GLY B 48 -1.86 -9.66 -8.33
C GLY B 48 -2.42 -9.64 -9.73
N THR B 49 -1.77 -8.95 -10.65
CA THR B 49 -2.29 -8.89 -12.02
C THR B 49 -1.36 -9.48 -13.00
N GLY B 50 -0.10 -9.62 -12.60
CA GLY B 50 0.82 -10.43 -13.40
C GLY B 50 2.13 -9.82 -13.79
N LYS B 51 2.52 -8.77 -13.09
CA LYS B 51 3.87 -8.28 -13.21
C LYS B 51 4.79 -9.47 -12.96
N THR B 52 5.03 -9.89 -11.71
CA THR B 52 5.93 -11.02 -11.46
C THR B 52 5.74 -12.18 -12.45
N ALA B 53 4.50 -12.45 -12.85
CA ALA B 53 4.21 -13.59 -13.70
C ALA B 53 4.83 -13.41 -15.05
N THR B 54 4.51 -12.31 -15.72
CA THR B 54 5.03 -12.09 -17.07
C THR B 54 6.50 -11.79 -17.01
N ALA B 55 6.95 -11.19 -15.92
CA ALA B 55 8.37 -10.98 -15.73
C ALA B 55 9.09 -12.29 -15.48
N ILE B 56 8.36 -13.37 -15.20
CA ILE B 56 8.96 -14.71 -15.26
C ILE B 56 8.86 -15.17 -16.70
N ALA B 57 7.63 -15.33 -17.19
CA ALA B 57 7.38 -15.83 -18.53
C ALA B 57 8.09 -15.03 -19.62
N LEU B 58 8.58 -13.84 -19.28
CA LEU B 58 9.38 -13.05 -20.19
C LEU B 58 10.79 -13.53 -20.10
N ALA B 59 11.24 -13.84 -18.88
CA ALA B 59 12.56 -14.41 -18.68
C ALA B 59 12.55 -15.86 -19.17
N ARG B 60 11.38 -16.47 -19.20
CA ARG B 60 11.27 -17.87 -19.55
C ARG B 60 11.24 -18.08 -21.06
N ASP B 61 10.63 -17.14 -21.79
CA ASP B 61 10.52 -17.25 -23.24
C ASP B 61 11.84 -16.95 -23.95
N LEU B 62 12.79 -16.36 -23.24
CA LEU B 62 14.05 -15.93 -23.83
C LEU B 62 15.22 -16.86 -23.53
N PHE B 63 15.10 -17.67 -22.48
CA PHE B 63 16.18 -18.56 -22.07
C PHE B 63 15.86 -20.04 -22.26
N GLY B 64 14.59 -20.33 -22.58
CA GLY B 64 14.14 -21.70 -22.82
C GLY B 64 14.08 -22.52 -21.54
N GLU B 65 15.20 -23.15 -21.21
CA GLU B 65 15.26 -24.06 -20.06
C GLU B 65 16.20 -23.54 -18.98
N ASN B 66 16.97 -22.51 -19.30
CA ASN B 66 18.04 -22.06 -18.42
C ASN B 66 17.77 -20.71 -17.76
N TRP B 67 16.51 -20.42 -17.47
CA TRP B 67 16.16 -19.16 -16.83
C TRP B 67 16.53 -19.11 -15.35
N ARG B 68 16.04 -20.09 -14.58
CA ARG B 68 16.24 -20.13 -13.13
C ARG B 68 17.67 -19.80 -12.70
N ASP B 69 18.64 -20.19 -13.52
CA ASP B 69 20.06 -19.96 -13.25
C ASP B 69 20.40 -18.48 -13.21
N ASN B 70 19.78 -17.69 -14.08
CA ASN B 70 20.15 -16.30 -14.27
C ASN B 70 19.25 -15.32 -13.54
N PHE B 71 17.95 -15.41 -13.84
CA PHE B 71 16.92 -14.54 -13.26
C PHE B 71 16.83 -14.70 -11.74
N ILE B 72 16.81 -13.57 -11.04
CA ILE B 72 16.51 -13.55 -9.60
C ILE B 72 15.55 -12.40 -9.27
N GLU B 73 14.47 -12.75 -8.59
CA GLU B 73 13.51 -11.78 -8.10
C GLU B 73 13.92 -11.40 -6.69
N MET B 74 13.90 -10.10 -6.41
CA MET B 74 14.06 -9.67 -5.03
C MET B 74 13.21 -8.45 -4.76
N ASN B 75 12.84 -8.32 -3.50
CA ASN B 75 11.98 -7.25 -3.05
C ASN B 75 12.82 -6.03 -2.72
N ALA B 76 12.51 -4.95 -3.40
CA ALA B 76 13.30 -3.74 -3.33
C ALA B 76 13.08 -2.94 -2.04
N SER B 77 12.00 -3.20 -1.33
CA SER B 77 11.66 -2.40 -0.16
C SER B 77 12.46 -2.74 1.11
N ASP B 78 13.16 -3.88 1.11
CA ASP B 78 14.02 -4.30 2.26
C ASP B 78 15.35 -3.51 2.30
N GLU B 79 15.25 -2.21 2.64
CA GLU B 79 16.25 -1.10 2.46
C GLU B 79 17.79 -1.31 2.46
N ARG B 80 18.28 -2.25 3.28
CA ARG B 80 19.72 -2.43 3.50
C ARG B 80 20.36 -3.55 2.65
N GLY B 81 19.69 -3.88 1.54
CA GLY B 81 20.08 -5.04 0.71
C GLY B 81 20.20 -4.78 -0.79
N ILE B 82 19.87 -3.55 -1.20
CA ILE B 82 20.21 -3.09 -2.55
C ILE B 82 21.72 -3.25 -2.73
N ASP B 83 22.44 -2.90 -1.67
CA ASP B 83 23.89 -2.90 -1.65
C ASP B 83 24.48 -4.24 -1.18
N VAL B 84 23.64 -5.09 -0.58
CA VAL B 84 24.08 -6.45 -0.22
C VAL B 84 23.81 -7.45 -1.36
N VAL B 85 22.91 -7.10 -2.27
CA VAL B 85 22.71 -7.87 -3.50
C VAL B 85 23.23 -7.06 -4.70
N ARG B 86 24.51 -6.70 -4.59
CA ARG B 86 25.30 -6.12 -5.66
C ARG B 86 26.39 -7.09 -6.10
N HIS B 87 26.81 -7.99 -5.20
CA HIS B 87 27.78 -9.03 -5.56
C HIS B 87 27.11 -10.11 -6.41
N LYS B 88 25.77 -10.13 -6.38
CA LYS B 88 24.97 -10.90 -7.33
C LYS B 88 24.92 -10.17 -8.68
N ILE B 89 25.20 -8.85 -8.67
CA ILE B 89 25.22 -8.06 -9.89
C ILE B 89 26.52 -8.23 -10.68
N LYS B 90 27.60 -8.65 -10.01
CA LYS B 90 28.93 -8.78 -10.66
C LYS B 90 29.27 -10.18 -11.18
N GLU B 91 28.83 -11.22 -10.48
CA GLU B 91 28.94 -12.61 -10.94
C GLU B 91 27.99 -12.85 -12.12
N PHE B 92 26.79 -12.28 -12.00
CA PHE B 92 25.72 -12.37 -12.99
C PHE B 92 26.07 -11.62 -14.30
N ALA B 93 26.74 -10.47 -14.16
CA ALA B 93 27.10 -9.62 -15.30
C ALA B 93 28.37 -10.07 -16.03
N ARG B 94 29.21 -10.85 -15.34
CA ARG B 94 30.40 -11.40 -15.96
C ARG B 94 30.07 -12.72 -16.69
N THR B 95 29.00 -13.41 -16.26
CA THR B 95 28.56 -14.65 -16.92
C THR B 95 27.73 -14.40 -18.17
N ALA B 96 28.19 -14.93 -19.30
CA ALA B 96 27.50 -14.83 -20.56
C ALA B 96 26.33 -15.83 -20.59
N PRO B 97 25.15 -15.36 -21.04
CA PRO B 97 23.99 -16.24 -21.15
C PRO B 97 24.37 -17.53 -21.88
N ILE B 98 24.37 -18.62 -21.14
CA ILE B 98 24.82 -19.91 -21.63
C ILE B 98 23.86 -20.44 -22.70
N GLY B 99 24.37 -20.62 -23.92
CA GLY B 99 23.58 -21.12 -25.05
C GLY B 99 23.78 -20.37 -26.36
N GLY B 100 23.25 -19.16 -26.44
CA GLY B 100 23.35 -18.31 -27.63
C GLY B 100 22.66 -16.96 -27.55
N ALA B 101 22.25 -16.56 -26.35
CA ALA B 101 21.59 -15.28 -26.11
C ALA B 101 22.60 -14.25 -25.55
N PRO B 102 22.40 -12.94 -25.85
CA PRO B 102 23.34 -11.89 -25.38
C PRO B 102 23.15 -11.32 -23.96
N PHE B 103 21.93 -11.32 -23.43
CA PHE B 103 21.59 -10.51 -22.24
C PHE B 103 21.00 -11.28 -21.04
N LYS B 104 20.82 -10.59 -19.92
CA LYS B 104 20.36 -11.20 -18.65
C LYS B 104 19.45 -10.28 -17.80
N ILE B 105 18.70 -10.86 -16.84
CA ILE B 105 17.58 -10.16 -16.15
C ILE B 105 17.54 -10.22 -14.62
N ILE B 106 17.18 -9.08 -14.00
CA ILE B 106 16.95 -8.99 -12.54
C ILE B 106 15.62 -8.30 -12.25
N PHE B 107 14.76 -8.93 -11.47
CA PHE B 107 13.42 -8.41 -11.15
C PHE B 107 13.40 -7.79 -9.77
N LEU B 108 12.67 -6.69 -9.64
CA LEU B 108 12.71 -5.89 -8.43
C LEU B 108 11.30 -5.49 -8.01
N ASP B 109 10.71 -6.29 -7.12
CA ASP B 109 9.32 -6.09 -6.69
C ASP B 109 9.31 -4.90 -5.75
N GLU B 110 8.22 -4.15 -5.75
CA GLU B 110 8.00 -3.10 -4.76
C GLU B 110 8.99 -1.93 -4.90
N ALA B 111 9.46 -1.70 -6.13
CA ALA B 111 10.34 -0.56 -6.43
C ALA B 111 9.80 0.70 -5.81
N ASP B 112 8.52 0.99 -6.03
CA ASP B 112 7.92 2.23 -5.54
C ASP B 112 7.77 2.32 -4.04
N ALA B 113 8.77 1.85 -3.31
CA ALA B 113 8.79 2.01 -1.86
C ALA B 113 9.99 2.82 -1.42
N LEU B 114 10.91 3.06 -2.35
CA LEU B 114 12.20 3.66 -2.01
C LEU B 114 12.21 5.17 -2.15
N THR B 115 13.07 5.84 -1.39
CA THR B 115 13.28 7.29 -1.57
C THR B 115 14.36 7.51 -2.63
N ALA B 116 14.37 8.70 -3.21
CA ALA B 116 15.23 9.06 -4.36
C ALA B 116 16.57 8.32 -4.52
N ASP B 117 17.33 8.20 -3.42
CA ASP B 117 18.73 7.78 -3.46
C ASP B 117 18.99 6.38 -4.03
N ALA B 118 18.42 5.35 -3.40
CA ALA B 118 18.63 3.95 -3.79
C ALA B 118 18.28 3.78 -5.28
N GLN B 119 17.32 4.58 -5.73
CA GLN B 119 16.86 4.57 -7.10
C GLN B 119 18.01 4.86 -8.08
N ALA B 120 18.87 5.81 -7.73
CA ALA B 120 20.04 6.12 -8.54
C ALA B 120 20.98 4.91 -8.76
N ALA B 121 21.28 4.16 -7.69
CA ALA B 121 22.30 3.07 -7.73
C ALA B 121 22.07 2.05 -8.84
N LEU B 122 20.83 2.04 -9.35
CA LEU B 122 20.45 1.28 -10.55
C LEU B 122 21.33 1.71 -11.74
N ARG B 123 21.44 3.03 -11.88
CA ARG B 123 21.96 3.69 -13.08
C ARG B 123 23.41 3.34 -13.51
N ARG B 124 24.25 2.97 -12.55
CA ARG B 124 25.66 2.66 -12.85
C ARG B 124 25.88 1.15 -13.09
N THR B 125 24.84 0.54 -13.64
CA THR B 125 24.81 -0.85 -14.05
C THR B 125 23.84 -0.94 -15.24
N MET B 126 23.21 0.20 -15.57
CA MET B 126 22.38 0.37 -16.77
C MET B 126 23.27 0.58 -18.00
N GLU B 127 24.00 1.69 -18.00
CA GLU B 127 24.99 2.01 -19.04
C GLU B 127 26.26 1.16 -18.95
N MET B 128 26.47 0.53 -17.78
CA MET B 128 27.57 -0.41 -17.59
C MET B 128 27.14 -1.84 -18.01
N TYR B 129 25.87 -2.17 -17.79
CA TYR B 129 25.31 -3.44 -18.23
C TYR B 129 24.01 -3.29 -19.03
N SER B 130 24.10 -2.81 -20.26
CA SER B 130 23.02 -2.93 -21.24
C SER B 130 23.52 -3.75 -22.42
N LYS B 131 24.80 -4.11 -22.37
CA LYS B 131 25.38 -5.12 -23.24
C LYS B 131 25.50 -6.45 -22.47
N SER B 132 24.82 -6.52 -21.32
CA SER B 132 24.81 -7.73 -20.47
C SER B 132 23.61 -7.89 -19.52
N CYS B 133 23.38 -6.91 -18.63
CA CYS B 133 22.31 -6.97 -17.62
C CYS B 133 21.08 -6.14 -17.94
N ARG B 134 19.96 -6.48 -17.30
CA ARG B 134 18.71 -5.75 -17.45
C ARG B 134 17.84 -5.85 -16.21
N PHE B 135 17.10 -4.79 -15.93
CA PHE B 135 16.21 -4.73 -14.79
C PHE B 135 14.76 -4.70 -15.19
N ILE B 136 13.92 -5.38 -14.41
CA ILE B 136 12.49 -5.26 -14.54
C ILE B 136 11.97 -4.78 -13.21
N LEU B 137 11.41 -3.56 -13.22
CA LEU B 137 10.92 -2.87 -12.03
C LEU B 137 9.42 -2.97 -11.88
N SER B 138 8.97 -3.49 -10.75
CA SER B 138 7.54 -3.64 -10.53
C SER B 138 7.14 -2.58 -9.54
N CYS B 139 6.05 -1.88 -9.81
CA CYS B 139 5.59 -0.84 -8.91
C CYS B 139 4.09 -0.65 -9.01
N ASN B 140 3.48 -0.33 -7.87
CA ASN B 140 2.06 -0.12 -7.82
C ASN B 140 1.60 1.00 -8.75
N TYR B 141 2.39 2.08 -8.84
CA TYR B 141 2.09 3.22 -9.73
C TYR B 141 3.32 3.79 -10.36
N VAL B 142 3.21 4.22 -11.62
CA VAL B 142 4.37 4.74 -12.31
C VAL B 142 4.80 6.05 -11.67
N SER B 143 3.83 6.91 -11.39
CA SER B 143 4.04 8.22 -10.77
C SER B 143 5.00 8.23 -9.60
N ARG B 144 5.16 7.10 -8.96
CA ARG B 144 5.92 7.04 -7.76
C ARG B 144 7.40 6.66 -7.98
N ILE B 145 7.81 6.55 -9.24
CA ILE B 145 9.18 6.21 -9.53
C ILE B 145 9.85 7.39 -10.18
N ILE B 146 10.83 7.96 -9.49
CA ILE B 146 11.42 9.24 -9.89
C ILE B 146 11.87 9.20 -11.31
N GLU B 147 11.62 10.31 -12.00
CA GLU B 147 11.83 10.41 -13.43
C GLU B 147 13.13 9.78 -13.94
N PRO B 148 14.29 10.19 -13.41
CA PRO B 148 15.56 9.61 -13.87
C PRO B 148 15.57 8.09 -14.15
N ILE B 149 14.56 7.32 -13.73
CA ILE B 149 14.48 5.89 -14.06
C ILE B 149 13.49 5.59 -15.16
N GLN B 150 12.29 6.12 -15.04
CA GLN B 150 11.31 6.06 -16.12
C GLN B 150 12.01 6.41 -17.42
N SER B 151 12.96 7.32 -17.28
CA SER B 151 13.83 7.76 -18.34
C SER B 151 14.35 6.56 -19.09
N ARG B 152 15.08 5.69 -18.39
CA ARG B 152 15.67 4.53 -19.02
C ARG B 152 14.84 3.26 -18.85
N CYS B 153 13.54 3.38 -19.06
CA CYS B 153 12.67 2.22 -18.96
C CYS B 153 11.60 2.24 -20.01
N ALA B 154 11.43 1.11 -20.69
CA ALA B 154 10.19 0.89 -21.42
C ALA B 154 9.17 0.58 -20.33
N VAL B 155 7.96 1.13 -20.48
CA VAL B 155 6.98 1.07 -19.40
C VAL B 155 5.70 0.31 -19.75
N PHE B 156 5.22 -0.51 -18.81
CA PHE B 156 4.03 -1.32 -19.04
C PHE B 156 3.01 -1.23 -17.91
N ARG B 157 1.80 -0.75 -18.24
CA ARG B 157 0.75 -0.59 -17.23
C ARG B 157 -0.18 -1.80 -17.29
N PHE B 158 -0.03 -2.65 -16.28
CA PHE B 158 -0.95 -3.74 -16.01
C PHE B 158 -2.25 -3.24 -15.45
N LYS B 159 -3.32 -3.75 -16.05
CA LYS B 159 -4.69 -3.42 -15.69
C LYS B 159 -5.22 -4.60 -14.86
N PRO B 160 -6.14 -4.33 -13.92
CA PRO B 160 -6.87 -5.36 -13.22
C PRO B 160 -7.57 -6.25 -14.21
N VAL B 161 -7.41 -7.56 -14.08
CA VAL B 161 -7.70 -8.48 -15.19
C VAL B 161 -9.18 -8.64 -15.57
N PRO B 162 -9.54 -8.40 -16.91
CA PRO B 162 -10.95 -8.24 -17.30
C PRO B 162 -11.73 -9.43 -16.87
N LYS B 163 -13.05 -9.37 -16.98
CA LYS B 163 -13.91 -10.43 -16.50
C LYS B 163 -13.65 -11.76 -17.18
N GLU B 164 -14.01 -11.87 -18.47
CA GLU B 164 -14.04 -13.14 -19.19
C GLU B 164 -12.71 -13.80 -19.21
N ALA B 165 -11.66 -13.01 -19.39
CA ALA B 165 -10.33 -13.57 -19.47
C ALA B 165 -9.90 -14.27 -18.19
N MET B 166 -10.36 -13.79 -17.05
CA MET B 166 -10.07 -14.43 -15.75
C MET B 166 -11.01 -15.59 -15.55
N LYS B 167 -12.28 -15.35 -15.82
CA LYS B 167 -13.27 -16.39 -15.75
C LYS B 167 -12.86 -17.59 -16.58
N LYS B 168 -12.29 -17.38 -17.76
CA LYS B 168 -11.90 -18.52 -18.58
C LYS B 168 -10.77 -19.27 -17.91
N ARG B 169 -9.74 -18.56 -17.44
CA ARG B 169 -8.58 -19.23 -16.86
C ARG B 169 -8.91 -19.76 -15.51
N LEU B 170 -10.00 -19.31 -14.94
CA LEU B 170 -10.40 -19.96 -13.70
C LEU B 170 -10.90 -21.35 -14.04
N LEU B 171 -11.75 -21.45 -15.04
CA LEU B 171 -12.26 -22.72 -15.50
C LEU B 171 -11.20 -23.75 -15.85
N GLU B 172 -10.28 -23.39 -16.75
CA GLU B 172 -9.10 -24.20 -17.00
C GLU B 172 -8.48 -24.71 -15.68
N ILE B 173 -8.32 -23.83 -14.68
CA ILE B 173 -7.71 -24.26 -13.42
C ILE B 173 -8.59 -25.29 -12.78
N CYS B 174 -9.87 -25.33 -13.15
CA CYS B 174 -10.84 -26.23 -12.51
C CYS B 174 -10.98 -27.53 -13.25
N GLU B 175 -11.60 -27.48 -14.41
CA GLU B 175 -11.70 -28.67 -15.21
C GLU B 175 -10.44 -29.54 -14.97
N LYS B 176 -9.26 -28.93 -15.00
CA LYS B 176 -7.97 -29.64 -14.81
C LYS B 176 -7.63 -29.98 -13.38
N GLU B 177 -8.61 -29.91 -12.49
CA GLU B 177 -8.38 -30.16 -11.07
C GLU B 177 -9.64 -30.73 -10.50
N GLY B 178 -10.57 -31.04 -11.39
CA GLY B 178 -11.79 -31.74 -11.05
C GLY B 178 -12.53 -31.07 -9.93
N VAL B 179 -12.85 -29.81 -10.15
CA VAL B 179 -13.58 -29.06 -9.16
C VAL B 179 -14.78 -28.53 -9.88
N LYS B 180 -15.92 -28.57 -9.20
CA LYS B 180 -17.17 -28.20 -9.83
C LYS B 180 -17.58 -26.81 -9.42
N ILE B 181 -17.31 -25.77 -10.20
CA ILE B 181 -17.86 -24.49 -9.80
C ILE B 181 -19.21 -24.42 -10.46
N THR B 182 -20.13 -23.64 -9.94
CA THR B 182 -21.33 -23.31 -10.70
C THR B 182 -21.11 -22.01 -11.46
N GLU B 183 -22.11 -21.51 -12.16
CA GLU B 183 -22.00 -20.19 -12.72
C GLU B 183 -21.91 -19.16 -11.64
N ASP B 184 -22.82 -19.25 -10.67
CA ASP B 184 -22.82 -18.52 -9.37
C ASP B 184 -21.47 -18.36 -8.73
N GLY B 185 -20.82 -19.49 -8.51
CA GLY B 185 -19.52 -19.51 -7.90
C GLY B 185 -18.43 -18.84 -8.69
N LEU B 186 -18.49 -18.89 -10.00
CA LEU B 186 -17.52 -18.16 -10.79
C LEU B 186 -17.70 -16.64 -10.66
N GLU B 187 -18.88 -16.17 -11.04
CA GLU B 187 -19.28 -14.76 -10.90
C GLU B 187 -18.97 -14.24 -9.52
N ALA B 188 -19.23 -15.04 -8.51
CA ALA B 188 -18.97 -14.63 -7.15
C ALA B 188 -17.48 -14.65 -6.91
N LEU B 189 -16.77 -15.59 -7.47
CA LEU B 189 -15.34 -15.67 -7.28
C LEU B 189 -14.66 -14.52 -7.96
N ILE B 190 -15.42 -13.50 -8.34
CA ILE B 190 -14.91 -12.43 -9.19
C ILE B 190 -15.37 -11.09 -8.66
N TYR B 191 -16.56 -11.03 -8.09
CA TYR B 191 -16.91 -9.99 -7.10
C TYR B 191 -15.75 -9.93 -6.09
N ILE B 192 -15.51 -11.04 -5.39
CA ILE B 192 -14.28 -11.27 -4.63
C ILE B 192 -12.99 -10.79 -5.26
N SER B 193 -12.63 -11.36 -6.39
CA SER B 193 -11.29 -11.18 -6.95
C SER B 193 -10.81 -9.76 -7.15
N GLY B 194 -11.72 -8.81 -7.30
CA GLY B 194 -11.34 -7.42 -7.54
C GLY B 194 -10.53 -7.24 -8.80
N GLY B 195 -10.34 -8.33 -9.52
CA GLY B 195 -9.54 -8.33 -10.73
C GLY B 195 -8.10 -8.66 -10.41
N ASP B 196 -7.93 -9.58 -9.49
CA ASP B 196 -6.64 -9.85 -8.92
C ASP B 196 -6.58 -11.35 -8.77
N PHE B 197 -5.86 -12.03 -9.66
CA PHE B 197 -5.80 -13.49 -9.66
C PHE B 197 -5.41 -14.07 -8.33
N ARG B 198 -4.28 -13.65 -7.79
CA ARG B 198 -3.81 -14.22 -6.52
C ARG B 198 -5.02 -14.38 -5.63
N LYS B 199 -5.79 -13.32 -5.49
CA LYS B 199 -6.98 -13.35 -4.64
C LYS B 199 -7.97 -14.38 -5.10
N ALA B 200 -8.21 -14.41 -6.41
CA ALA B 200 -9.16 -15.32 -7.03
C ALA B 200 -8.76 -16.78 -6.98
N ILE B 201 -7.58 -17.12 -7.51
CA ILE B 201 -7.06 -18.48 -7.47
C ILE B 201 -7.07 -18.98 -6.04
N ASN B 202 -6.23 -18.39 -5.22
CA ASN B 202 -6.22 -18.65 -3.80
C ASN B 202 -7.57 -18.91 -3.14
N ALA B 203 -8.61 -18.21 -3.57
CA ALA B 203 -9.90 -18.39 -2.93
C ALA B 203 -10.42 -19.68 -3.42
N LEU B 204 -10.47 -19.84 -4.76
CA LEU B 204 -10.94 -21.07 -5.41
C LEU B 204 -10.33 -22.31 -4.79
N GLN B 205 -9.01 -22.43 -4.86
CA GLN B 205 -8.23 -23.33 -4.01
C GLN B 205 -8.88 -23.66 -2.67
N GLY B 206 -9.20 -22.65 -1.88
CA GLY B 206 -9.77 -22.86 -0.58
C GLY B 206 -11.17 -23.42 -0.61
N ALA B 207 -11.90 -23.19 -1.69
CA ALA B 207 -13.23 -23.75 -1.79
C ALA B 207 -13.10 -25.14 -2.35
N ALA B 208 -12.06 -25.38 -3.11
CA ALA B 208 -11.81 -26.70 -3.70
C ALA B 208 -11.43 -27.68 -2.60
N ALA B 209 -10.61 -27.21 -1.66
CA ALA B 209 -10.17 -28.01 -0.53
C ALA B 209 -11.33 -28.74 0.11
N ILE B 210 -12.46 -28.05 0.24
CA ILE B 210 -13.62 -28.58 0.96
C ILE B 210 -14.38 -29.59 0.11
N GLY B 211 -15.65 -29.79 0.45
CA GLY B 211 -16.50 -30.79 -0.19
C GLY B 211 -17.18 -30.33 -1.46
N GLU B 212 -16.59 -30.67 -2.58
CA GLU B 212 -17.33 -30.70 -3.81
C GLU B 212 -17.88 -29.35 -4.21
N VAL B 213 -19.15 -29.35 -4.61
CA VAL B 213 -19.75 -28.32 -5.48
C VAL B 213 -19.39 -26.96 -4.96
N VAL B 214 -18.92 -26.08 -5.85
CA VAL B 214 -18.50 -24.75 -5.44
C VAL B 214 -19.55 -23.68 -5.80
N ASP B 215 -20.26 -23.28 -4.76
CA ASP B 215 -21.45 -22.49 -4.87
C ASP B 215 -21.05 -21.01 -4.78
N ALA B 216 -21.96 -20.14 -5.22
CA ALA B 216 -21.91 -18.71 -4.90
C ALA B 216 -21.46 -18.49 -3.47
N ASP B 217 -22.22 -19.04 -2.52
CA ASP B 217 -21.96 -18.98 -1.10
C ASP B 217 -20.62 -19.55 -0.74
N THR B 218 -20.35 -20.79 -1.10
CA THR B 218 -19.13 -21.39 -0.57
C THR B 218 -17.98 -20.41 -0.79
N ILE B 219 -18.13 -19.56 -1.79
CA ILE B 219 -17.12 -18.53 -2.11
C ILE B 219 -17.20 -17.28 -1.18
N TYR B 220 -18.38 -16.67 -1.06
CA TYR B 220 -18.62 -15.59 -0.09
C TYR B 220 -18.20 -15.93 1.34
N GLN B 221 -18.27 -17.20 1.69
CA GLN B 221 -17.93 -17.62 3.01
C GLN B 221 -16.43 -17.69 3.16
N ILE B 222 -15.75 -18.31 2.20
CA ILE B 222 -14.30 -18.60 2.32
C ILE B 222 -13.45 -17.35 2.36
N THR B 223 -13.98 -16.28 1.83
CA THR B 223 -13.26 -15.02 1.85
C THR B 223 -13.76 -14.05 2.95
N ALA B 224 -14.85 -14.44 3.63
CA ALA B 224 -15.56 -13.56 4.59
C ALA B 224 -15.98 -12.28 3.89
N THR B 225 -17.08 -12.36 3.17
CA THR B 225 -17.59 -11.24 2.43
C THR B 225 -19.05 -11.57 2.31
N ALA B 226 -19.89 -10.70 2.84
CA ALA B 226 -21.31 -10.94 2.89
C ALA B 226 -21.84 -11.32 1.53
N ARG B 227 -22.87 -12.17 1.52
CA ARG B 227 -23.71 -12.30 0.36
C ARG B 227 -24.24 -10.89 0.10
N PRO B 228 -24.09 -10.41 -1.14
CA PRO B 228 -24.58 -9.12 -1.47
C PRO B 228 -26.04 -8.99 -1.19
N GLU B 229 -26.79 -10.08 -1.13
CA GLU B 229 -28.21 -9.98 -0.77
C GLU B 229 -28.37 -9.44 0.64
N GLU B 230 -27.50 -9.92 1.53
CA GLU B 230 -27.58 -9.65 2.95
C GLU B 230 -27.31 -8.18 3.22
N MET B 231 -26.19 -7.67 2.71
CA MET B 231 -25.87 -6.26 2.77
C MET B 231 -27.09 -5.43 2.41
N THR B 232 -27.56 -5.54 1.17
CA THR B 232 -28.63 -4.65 0.71
C THR B 232 -29.90 -4.95 1.42
N GLU B 233 -29.89 -5.97 2.26
CA GLU B 233 -31.02 -6.26 3.13
C GLU B 233 -30.89 -5.46 4.40
N LEU B 234 -29.67 -5.43 4.93
CA LEU B 234 -29.39 -4.69 6.15
C LEU B 234 -29.42 -3.19 5.87
N ILE B 235 -28.74 -2.71 4.83
CA ILE B 235 -28.90 -1.29 4.45
C ILE B 235 -30.36 -0.96 4.26
N GLN B 236 -31.17 -1.92 3.81
CA GLN B 236 -32.57 -1.60 3.59
C GLN B 236 -33.30 -1.56 4.91
N THR B 237 -33.24 -2.63 5.69
CA THR B 237 -33.99 -2.61 6.96
C THR B 237 -33.49 -1.49 7.85
N ALA B 238 -32.36 -0.89 7.49
CA ALA B 238 -31.83 0.22 8.25
C ALA B 238 -32.57 1.44 7.83
N LEU B 239 -32.68 1.63 6.53
CA LEU B 239 -33.32 2.78 5.99
C LEU B 239 -34.78 2.78 6.33
N LYS B 240 -35.35 1.60 6.52
CA LYS B 240 -36.75 1.51 6.88
C LYS B 240 -37.02 2.07 8.26
N GLY B 241 -36.09 1.89 9.18
CA GLY B 241 -36.25 2.48 10.49
C GLY B 241 -36.00 1.49 11.59
N ASN B 242 -35.88 0.22 11.22
CA ASN B 242 -35.68 -0.87 12.16
C ASN B 242 -34.25 -0.99 12.69
N PHE B 243 -33.84 0.01 13.45
CA PHE B 243 -32.45 0.06 13.86
C PHE B 243 -31.96 -1.21 14.56
N MET B 244 -32.67 -1.64 15.61
CA MET B 244 -32.22 -2.80 16.39
C MET B 244 -32.12 -4.02 15.51
N GLU B 245 -32.99 -4.09 14.51
CA GLU B 245 -33.01 -5.23 13.63
C GLU B 245 -31.76 -5.17 12.76
N ALA B 246 -31.45 -4.00 12.22
CA ALA B 246 -30.26 -3.87 11.38
C ALA B 246 -29.01 -4.22 12.18
N ARG B 247 -28.98 -3.76 13.42
CA ARG B 247 -27.82 -3.89 14.27
C ARG B 247 -27.57 -5.36 14.49
N GLU B 248 -28.66 -6.08 14.73
CA GLU B 248 -28.68 -7.52 14.80
C GLU B 248 -28.04 -8.16 13.59
N LEU B 249 -28.52 -7.78 12.41
CA LEU B 249 -28.00 -8.35 11.19
C LEU B 249 -26.53 -8.17 11.09
N LEU B 250 -26.10 -6.91 11.05
CA LEU B 250 -24.69 -6.60 10.86
C LEU B 250 -23.82 -7.41 11.84
N ASP B 251 -24.30 -7.58 13.09
CA ASP B 251 -23.62 -8.39 14.09
C ASP B 251 -23.47 -9.82 13.63
N ARG B 252 -24.60 -10.51 13.43
CA ARG B 252 -24.56 -11.88 12.92
C ARG B 252 -23.66 -11.94 11.74
N LEU B 253 -23.79 -10.91 10.93
CA LEU B 253 -23.19 -10.84 9.62
C LEU B 253 -21.69 -10.75 9.79
N MET B 254 -21.31 -10.07 10.87
CA MET B 254 -19.93 -9.87 11.11
C MET B 254 -19.35 -11.08 11.74
N VAL B 255 -20.16 -11.94 12.33
CA VAL B 255 -19.52 -13.19 12.72
C VAL B 255 -19.57 -14.34 11.75
N GLU B 256 -20.70 -14.51 11.08
CA GLU B 256 -20.77 -15.51 10.02
C GLU B 256 -19.47 -15.55 9.21
N TYR B 257 -18.96 -14.40 8.77
CA TYR B 257 -17.74 -14.37 7.97
C TYR B 257 -16.53 -13.66 8.60
N GLY B 258 -16.79 -12.83 9.61
CA GLY B 258 -15.72 -12.29 10.48
C GLY B 258 -14.86 -11.25 9.78
N MET B 259 -15.52 -10.20 9.30
CA MET B 259 -14.88 -9.17 8.52
C MET B 259 -14.35 -8.12 9.45
N SER B 260 -13.33 -7.40 8.97
CA SER B 260 -12.81 -6.23 9.69
C SER B 260 -13.79 -5.04 9.69
N GLY B 261 -13.38 -3.89 10.20
CA GLY B 261 -14.31 -2.78 10.14
C GLY B 261 -14.27 -2.24 8.74
N GLU B 262 -13.05 -2.05 8.29
CA GLU B 262 -12.73 -1.68 6.95
C GLU B 262 -13.50 -2.62 6.02
N ASP B 263 -13.32 -3.93 6.17
CA ASP B 263 -14.02 -4.87 5.32
C ASP B 263 -15.51 -4.60 5.26
N ILE B 264 -16.18 -4.42 6.38
CA ILE B 264 -17.61 -4.13 6.33
C ILE B 264 -17.95 -2.81 5.62
N VAL B 265 -17.13 -1.79 5.88
CA VAL B 265 -17.39 -0.48 5.36
C VAL B 265 -17.13 -0.55 3.88
N ALA B 266 -16.23 -1.44 3.46
CA ALA B 266 -15.99 -1.61 2.05
C ALA B 266 -17.30 -2.11 1.41
N GLN B 267 -17.75 -3.32 1.72
CA GLN B 267 -19.00 -3.76 1.11
C GLN B 267 -20.17 -2.81 1.38
N LEU B 268 -20.19 -2.14 2.52
CA LEU B 268 -21.28 -1.22 2.69
C LEU B 268 -21.27 -0.28 1.51
N PHE B 269 -20.09 0.24 1.14
CA PHE B 269 -19.89 1.08 -0.04
C PHE B 269 -20.44 0.43 -1.27
N ARG B 270 -19.78 -0.61 -1.79
CA ARG B 270 -20.28 -1.31 -2.98
C ARG B 270 -21.79 -1.35 -3.08
N GLU B 271 -22.42 -1.91 -2.04
CA GLU B 271 -23.85 -2.12 -2.09
C GLU B 271 -24.63 -0.84 -1.91
N ILE B 272 -23.96 0.21 -1.45
CA ILE B 272 -24.64 1.50 -1.37
C ILE B 272 -24.59 2.06 -2.74
N ILE B 273 -23.55 1.76 -3.51
CA ILE B 273 -23.39 2.37 -4.83
C ILE B 273 -24.35 1.75 -5.80
N SER B 274 -24.43 0.42 -5.69
CA SER B 274 -25.22 -0.40 -6.59
C SER B 274 -26.57 -0.66 -5.97
N MET B 275 -27.02 0.29 -5.16
CA MET B 275 -28.42 0.37 -4.82
C MET B 275 -29.04 0.97 -6.07
N PRO B 276 -30.34 0.72 -6.28
CA PRO B 276 -31.00 1.50 -7.30
C PRO B 276 -31.73 2.74 -6.72
N ILE B 277 -31.23 3.36 -5.67
CA ILE B 277 -31.90 4.53 -5.11
C ILE B 277 -31.41 5.76 -5.84
N LYS B 278 -32.05 6.90 -5.58
CA LYS B 278 -31.77 8.18 -6.21
C LYS B 278 -30.36 8.66 -6.00
N ASP B 279 -29.79 9.25 -7.03
CA ASP B 279 -28.52 9.98 -6.93
C ASP B 279 -28.53 11.07 -5.84
N SER B 280 -29.69 11.36 -5.28
CA SER B 280 -29.83 12.47 -4.35
C SER B 280 -29.58 12.01 -2.91
N LEU B 281 -30.04 10.81 -2.62
CA LEU B 281 -29.87 10.22 -1.31
C LEU B 281 -28.52 9.53 -1.28
N LYS B 282 -28.26 8.71 -2.30
CA LYS B 282 -27.01 7.95 -2.40
C LYS B 282 -25.82 8.77 -1.88
N VAL B 283 -25.85 10.08 -2.18
CA VAL B 283 -24.83 11.01 -1.72
C VAL B 283 -24.79 11.05 -0.21
N GLN B 284 -25.89 11.49 0.39
CA GLN B 284 -25.99 11.51 1.85
C GLN B 284 -25.37 10.27 2.48
N LEU B 285 -25.72 9.11 1.95
CA LEU B 285 -25.21 7.85 2.46
C LEU B 285 -23.71 7.70 2.33
N ILE B 286 -23.19 7.98 1.13
CA ILE B 286 -21.74 7.89 0.91
C ILE B 286 -20.91 8.96 1.69
N ASP B 287 -21.38 10.21 1.65
CA ASP B 287 -20.77 11.25 2.43
C ASP B 287 -20.54 10.76 3.84
N LYS B 288 -21.59 10.29 4.51
CA LYS B 288 -21.47 9.78 5.87
C LYS B 288 -20.56 8.55 5.99
N LEU B 289 -20.61 7.64 5.01
CA LEU B 289 -19.75 6.46 5.00
C LEU B 289 -18.32 6.86 4.94
N GLY B 290 -18.11 7.97 4.22
CA GLY B 290 -16.82 8.60 4.06
C GLY B 290 -16.33 9.01 5.41
N GLU B 291 -17.28 9.45 6.25
CA GLU B 291 -17.01 9.88 7.60
C GLU B 291 -16.65 8.71 8.48
N VAL B 292 -17.59 7.77 8.60
CA VAL B 292 -17.37 6.54 9.31
C VAL B 292 -16.03 5.95 8.98
N ASP B 293 -15.73 5.75 7.71
CA ASP B 293 -14.46 5.07 7.38
C ASP B 293 -13.29 5.82 7.93
N PHE B 294 -13.43 7.14 7.99
CA PHE B 294 -12.36 7.94 8.55
C PHE B 294 -12.26 7.56 10.01
N ARG B 295 -13.29 7.89 10.79
CA ARG B 295 -13.33 7.57 12.22
C ARG B 295 -12.58 6.29 12.44
N LEU B 296 -13.04 5.17 11.91
CA LEU B 296 -12.33 3.92 12.08
C LEU B 296 -10.84 3.97 11.83
N THR B 297 -10.36 4.56 10.76
CA THR B 297 -8.93 4.50 10.49
C THR B 297 -8.12 5.31 11.47
N GLU B 298 -8.72 6.34 12.02
CA GLU B 298 -8.15 7.11 13.11
C GLU B 298 -8.13 6.28 14.38
N GLY B 299 -8.72 5.09 14.33
CA GLY B 299 -8.74 4.15 15.46
C GLY B 299 -9.87 4.31 16.45
N ALA B 300 -10.96 4.99 16.09
CA ALA B 300 -12.13 5.05 16.96
C ALA B 300 -12.74 3.67 17.03
N ASN B 301 -13.90 3.54 17.67
CA ASN B 301 -14.44 2.20 17.93
C ASN B 301 -15.37 1.55 16.90
N GLU B 302 -14.90 0.45 16.34
CA GLU B 302 -15.59 -0.35 15.33
C GLU B 302 -17.08 -0.55 15.62
N ARG B 303 -17.39 -1.23 16.71
CA ARG B 303 -18.77 -1.47 16.99
C ARG B 303 -19.54 -0.18 17.01
N ILE B 304 -18.97 0.88 17.56
CA ILE B 304 -19.80 2.05 17.83
C ILE B 304 -20.06 2.92 16.65
N GLN B 305 -19.01 3.13 15.88
CA GLN B 305 -19.10 3.87 14.62
C GLN B 305 -19.95 3.19 13.56
N LEU B 306 -19.83 1.86 13.49
CA LEU B 306 -20.64 1.07 12.61
C LEU B 306 -22.11 1.19 12.91
N ASP B 307 -22.52 0.70 14.06
CA ASP B 307 -23.90 0.81 14.53
C ASP B 307 -24.35 2.27 14.42
N ALA B 308 -23.43 3.16 14.77
CA ALA B 308 -23.62 4.58 14.73
C ALA B 308 -23.89 5.06 13.32
N TYR B 309 -23.55 4.24 12.33
CA TYR B 309 -23.88 4.55 10.94
C TYR B 309 -25.19 3.93 10.56
N LEU B 310 -25.59 2.86 11.22
CA LEU B 310 -26.92 2.30 10.94
C LEU B 310 -27.90 3.22 11.60
N ALA B 311 -27.46 3.84 12.67
CA ALA B 311 -28.22 4.83 13.31
C ALA B 311 -28.48 5.92 12.30
N TYR B 312 -27.44 6.40 11.63
CA TYR B 312 -27.60 7.49 10.62
C TYR B 312 -28.73 7.19 9.70
N LEU B 313 -28.72 6.00 9.12
CA LEU B 313 -29.62 5.62 8.06
C LEU B 313 -31.04 5.60 8.53
N SER B 314 -31.24 5.36 9.82
CA SER B 314 -32.58 5.23 10.32
C SER B 314 -33.14 6.55 10.75
N THR B 315 -32.36 7.62 10.65
CA THR B 315 -32.98 8.91 10.83
C THR B 315 -33.70 9.26 9.54
N LEU B 316 -33.06 9.02 8.40
CA LEU B 316 -33.60 9.42 7.08
C LEU B 316 -34.81 8.60 6.68
N ALA B 317 -35.46 7.98 7.67
CA ALA B 317 -36.77 7.31 7.51
C ALA B 317 -37.85 8.28 7.01
N LYS B 318 -38.01 9.41 7.70
CA LYS B 318 -38.86 10.52 7.25
C LYS B 318 -38.04 11.80 6.98
N LYS B 319 -37.01 11.77 6.28
N ILE C 6 16.88 12.12 -33.24
CA ILE C 6 17.34 12.14 -31.82
C ILE C 6 17.35 13.55 -31.12
N TRP C 7 16.51 14.42 -31.67
CA TRP C 7 16.26 15.80 -31.20
C TRP C 7 17.03 16.37 -29.98
N VAL C 8 16.94 15.75 -28.81
CA VAL C 8 17.64 16.29 -27.65
C VAL C 8 19.13 16.55 -27.96
N GLU C 9 19.70 15.76 -28.89
CA GLU C 9 21.10 15.94 -29.35
C GLU C 9 21.23 16.90 -30.53
N LYS C 10 20.53 16.54 -31.62
CA LYS C 10 20.47 17.36 -32.81
C LYS C 10 20.10 18.84 -32.53
N TYR C 11 19.80 19.18 -31.28
CA TYR C 11 19.52 20.58 -30.93
C TYR C 11 20.28 21.01 -29.68
N ARG C 12 21.22 20.17 -29.24
CA ARG C 12 22.29 20.55 -28.30
C ARG C 12 22.80 21.89 -28.82
N PRO C 13 22.76 22.93 -27.93
CA PRO C 13 23.17 24.25 -28.41
C PRO C 13 24.64 24.14 -28.81
N ARG C 14 25.00 24.90 -29.86
CA ARG C 14 26.35 24.82 -30.46
C ARG C 14 27.26 26.03 -30.07
N THR C 15 26.69 26.93 -29.24
CA THR C 15 27.34 28.20 -28.78
C THR C 15 26.66 28.67 -27.52
N LEU C 16 27.44 29.25 -26.60
CA LEU C 16 26.88 29.94 -25.42
C LEU C 16 25.60 30.79 -25.70
N ASP C 17 25.65 31.61 -26.78
CA ASP C 17 24.49 32.37 -27.33
C ASP C 17 23.23 31.50 -27.53
N GLU C 18 23.41 30.22 -27.88
CA GLU C 18 22.30 29.28 -28.19
C GLU C 18 21.64 28.58 -26.99
N VAL C 19 22.29 28.64 -25.83
CA VAL C 19 21.70 28.13 -24.58
C VAL C 19 20.77 29.19 -24.03
N VAL C 20 19.55 28.82 -23.66
CA VAL C 20 18.58 29.85 -23.39
C VAL C 20 18.08 29.82 -21.96
N GLY C 21 17.39 30.89 -21.55
CA GLY C 21 16.75 31.02 -20.25
C GLY C 21 17.75 31.13 -19.12
N GLN C 22 19.03 31.11 -19.47
CA GLN C 22 20.07 31.11 -18.49
C GLN C 22 20.98 32.31 -18.60
N ASP C 23 20.48 33.40 -19.18
CA ASP C 23 21.24 34.64 -19.24
C ASP C 23 22.16 34.76 -18.00
N GLU C 24 21.55 34.97 -16.85
CA GLU C 24 22.12 34.71 -15.52
C GLU C 24 23.56 34.20 -15.52
N VAL C 25 23.73 32.96 -15.97
CA VAL C 25 25.03 32.31 -16.11
C VAL C 25 25.73 32.78 -17.37
N ILE C 26 25.14 32.48 -18.52
CA ILE C 26 25.77 32.72 -19.81
C ILE C 26 26.30 34.15 -19.99
N GLN C 27 25.48 35.15 -19.74
CA GLN C 27 25.91 36.55 -19.76
C GLN C 27 27.31 36.73 -19.18
N ARG C 28 27.55 36.13 -18.02
CA ARG C 28 28.83 36.26 -17.34
C ARG C 28 29.78 35.08 -17.61
N LEU C 29 29.28 34.04 -18.28
CA LEU C 29 30.12 32.94 -18.72
C LEU C 29 30.68 33.26 -20.11
N LYS C 30 30.09 34.26 -20.76
CA LYS C 30 30.61 34.82 -22.02
C LYS C 30 31.89 35.63 -21.78
N GLY C 31 31.92 36.36 -20.66
CA GLY C 31 33.09 37.14 -20.26
C GLY C 31 34.29 36.28 -19.89
N TYR C 32 34.17 34.98 -20.11
CA TYR C 32 35.27 34.04 -19.93
C TYR C 32 35.80 33.57 -21.30
N VAL C 33 35.12 33.94 -22.39
CA VAL C 33 35.58 33.58 -23.74
C VAL C 33 36.38 34.70 -24.41
N GLU C 34 36.06 35.94 -24.07
CA GLU C 34 36.79 37.11 -24.57
C GLU C 34 38.20 37.13 -24.00
N ARG C 35 38.31 36.82 -22.70
CA ARG C 35 39.59 36.81 -22.00
C ARG C 35 40.31 35.47 -22.16
N LYS C 36 39.56 34.42 -22.49
CA LYS C 36 40.06 33.04 -22.52
C LYS C 36 40.62 32.60 -21.15
N ASN C 37 39.89 32.95 -20.10
CA ASN C 37 40.11 32.44 -18.74
C ASN C 37 39.03 31.41 -18.40
N ILE C 38 39.43 30.31 -17.76
CA ILE C 38 38.48 29.39 -17.16
C ILE C 38 39.02 28.93 -15.83
N PRO C 39 38.40 29.35 -14.74
CA PRO C 39 38.66 28.65 -13.50
C PRO C 39 37.75 27.45 -13.48
N HIS C 40 37.96 26.53 -12.58
CA HIS C 40 37.09 25.36 -12.51
C HIS C 40 35.63 25.76 -12.31
N LEU C 41 34.79 25.35 -13.23
CA LEU C 41 33.40 25.73 -13.18
C LEU C 41 32.58 24.78 -12.32
N LEU C 42 31.66 25.33 -11.54
CA LEU C 42 30.70 24.52 -10.80
C LEU C 42 29.28 24.84 -11.27
N PHE C 43 28.75 23.97 -12.10
CA PHE C 43 27.40 24.11 -12.55
C PHE C 43 26.49 23.43 -11.56
N SER C 44 25.52 24.17 -11.05
CA SER C 44 24.50 23.61 -10.18
C SER C 44 23.11 23.97 -10.67
N GLY C 45 22.24 23.00 -10.70
CA GLY C 45 20.83 23.27 -10.97
C GLY C 45 20.00 22.00 -11.07
N PRO C 46 18.69 22.14 -11.27
CA PRO C 46 17.81 21.02 -11.51
C PRO C 46 18.29 20.19 -12.74
N PRO C 47 17.72 18.98 -12.97
CA PRO C 47 18.32 18.29 -14.10
C PRO C 47 17.59 18.76 -15.35
N GLY C 48 18.27 18.71 -16.48
CA GLY C 48 17.66 19.03 -17.74
C GLY C 48 17.50 20.50 -17.97
N THR C 49 18.44 21.28 -17.46
CA THR C 49 18.36 22.71 -17.63
C THR C 49 19.49 23.28 -18.43
N GLY C 50 20.58 22.55 -18.56
CA GLY C 50 21.60 22.91 -19.54
C GLY C 50 23.02 22.99 -19.04
N LYS C 51 23.28 22.39 -17.89
CA LYS C 51 24.63 22.26 -17.45
C LYS C 51 25.40 21.59 -18.58
N THR C 52 25.25 20.29 -18.78
CA THR C 52 25.97 19.61 -19.88
C THR C 52 25.97 20.45 -21.18
N ALA C 53 24.86 21.08 -21.50
CA ALA C 53 24.70 21.80 -22.74
C ALA C 53 25.67 22.96 -22.85
N THR C 54 25.66 23.83 -21.86
CA THR C 54 26.51 25.00 -21.89
C THR C 54 27.90 24.56 -21.61
N ALA C 55 28.05 23.49 -20.86
CA ALA C 55 29.37 22.95 -20.63
C ALA C 55 29.93 22.30 -21.88
N ILE C 56 29.09 22.10 -22.90
CA ILE C 56 29.60 21.79 -24.24
C ILE C 56 29.87 23.11 -24.96
N ALA C 57 28.82 23.88 -25.19
CA ALA C 57 28.91 25.15 -25.92
C ALA C 57 29.93 26.13 -25.34
N LEU C 58 30.39 25.86 -24.12
CA LEU C 58 31.45 26.62 -23.47
C LEU C 58 32.77 26.08 -23.95
N ALA C 59 32.84 24.75 -24.05
CA ALA C 59 34.00 24.10 -24.63
C ALA C 59 34.03 24.32 -26.14
N ARG C 60 32.86 24.57 -26.73
CA ARG C 60 32.73 24.73 -28.17
C ARG C 60 33.10 26.13 -28.65
N ASP C 61 32.79 27.14 -27.84
CA ASP C 61 33.08 28.53 -28.18
C ASP C 61 34.56 28.89 -28.04
N LEU C 62 35.31 28.05 -27.36
CA LEU C 62 36.73 28.34 -27.07
C LEU C 62 37.72 27.58 -27.95
N PHE C 63 37.25 26.49 -28.57
CA PHE C 63 38.12 25.65 -29.40
C PHE C 63 37.75 25.67 -30.88
N GLY C 64 36.59 26.27 -31.20
CA GLY C 64 36.12 26.38 -32.58
C GLY C 64 35.66 25.07 -33.18
N GLU C 65 36.59 24.34 -33.78
CA GLU C 65 36.30 23.09 -34.49
C GLU C 65 36.95 21.89 -33.80
N ASN C 66 37.85 22.14 -32.86
CA ASN C 66 38.67 21.09 -32.27
C ASN C 66 38.35 20.76 -30.82
N TRP C 67 37.07 20.87 -30.46
CA TRP C 67 36.67 20.58 -29.08
C TRP C 67 36.61 19.08 -28.78
N ARG C 68 35.86 18.34 -29.59
CA ARG C 68 35.67 16.90 -29.39
C ARG C 68 36.95 16.16 -29.03
N ASP C 69 38.07 16.60 -29.59
CA ASP C 69 39.38 16.00 -29.34
C ASP C 69 39.82 16.10 -27.89
N ASN C 70 39.51 17.23 -27.26
CA ASN C 70 40.02 17.54 -25.93
C ASN C 70 39.01 17.27 -24.80
N PHE C 71 37.84 17.88 -24.91
CA PHE C 71 36.78 17.76 -23.93
C PHE C 71 36.28 16.31 -23.81
N ILE C 72 36.14 15.83 -22.58
CA ILE C 72 35.49 14.54 -22.32
C ILE C 72 34.57 14.65 -21.11
N GLU C 73 33.32 14.23 -21.30
CA GLU C 73 32.33 14.17 -20.23
C GLU C 73 32.34 12.79 -19.62
N MET C 74 32.34 12.72 -18.31
CA MET C 74 32.17 11.43 -17.65
C MET C 74 31.39 11.62 -16.40
N ASN C 75 30.74 10.53 -16.01
CA ASN C 75 29.88 10.52 -14.86
C ASN C 75 30.66 10.20 -13.60
N ALA C 76 30.59 11.10 -12.63
CA ALA C 76 31.43 11.05 -11.44
C ALA C 76 30.94 10.07 -10.41
N SER C 77 29.71 9.62 -10.54
CA SER C 77 29.16 8.75 -9.51
C SER C 77 29.59 7.28 -9.64
N ASP C 78 30.14 6.91 -10.80
CA ASP C 78 30.59 5.53 -11.04
C ASP C 78 31.91 5.26 -10.28
N GLU C 79 31.79 5.15 -8.95
CA GLU C 79 32.88 5.21 -7.92
C GLU C 79 34.36 4.75 -8.15
N ARG C 80 34.55 3.70 -8.94
CA ARG C 80 35.87 3.06 -9.14
C ARG C 80 36.63 3.53 -10.41
N GLY C 81 36.27 4.70 -10.92
CA GLY C 81 36.77 5.18 -12.22
C GLY C 81 37.31 6.60 -12.23
N ILE C 82 37.21 7.29 -11.09
CA ILE C 82 37.91 8.56 -10.88
C ILE C 82 39.39 8.31 -11.10
N ASP C 83 39.84 7.17 -10.59
CA ASP C 83 41.23 6.76 -10.62
C ASP C 83 41.58 5.94 -11.89
N VAL C 84 40.56 5.43 -12.60
CA VAL C 84 40.79 4.74 -13.88
C VAL C 84 40.76 5.72 -15.05
N VAL C 85 40.14 6.89 -14.84
CA VAL C 85 40.22 7.99 -15.80
C VAL C 85 41.09 9.10 -15.22
N ARG C 86 42.32 8.70 -14.88
CA ARG C 86 43.41 9.59 -14.52
C ARG C 86 44.51 9.55 -15.59
N HIS C 87 44.58 8.45 -16.34
CA HIS C 87 45.53 8.35 -17.46
C HIS C 87 45.03 9.17 -18.66
N LYS C 88 43.75 9.51 -18.62
CA LYS C 88 43.18 10.49 -19.52
C LYS C 88 43.56 11.90 -19.05
N ILE C 89 43.92 12.02 -17.77
CA ILE C 89 44.33 13.31 -17.20
C ILE C 89 45.79 13.67 -17.53
N LYS C 90 46.63 12.67 -17.85
CA LYS C 90 48.06 12.91 -18.12
C LYS C 90 48.42 13.09 -19.61
N GLU C 91 47.72 12.37 -20.48
CA GLU C 91 47.84 12.55 -21.95
C GLU C 91 47.23 13.89 -22.37
N PHE C 92 46.09 14.20 -21.77
CA PHE C 92 45.32 15.44 -21.99
C PHE C 92 46.05 16.70 -21.49
N ALA C 93 46.75 16.57 -20.37
CA ALA C 93 47.47 17.69 -19.73
C ALA C 93 48.85 17.96 -20.33
N ARG C 94 49.42 16.95 -20.98
CA ARG C 94 50.68 17.13 -21.68
C ARG C 94 50.46 17.68 -23.09
N THR C 95 49.26 17.47 -23.65
CA THR C 95 48.92 18.01 -24.98
C THR C 95 48.46 19.47 -24.93
N ALA C 96 49.19 20.32 -25.65
CA ALA C 96 48.87 21.74 -25.77
C ALA C 96 47.67 21.90 -26.70
N PRO C 97 46.69 22.73 -26.30
CA PRO C 97 45.54 23.00 -27.15
C PRO C 97 46.00 23.38 -28.56
N ILE C 98 45.71 22.51 -29.52
CA ILE C 98 46.20 22.64 -30.89
C ILE C 98 45.53 23.84 -31.58
N GLY C 99 46.34 24.82 -32.00
CA GLY C 99 45.85 26.03 -32.67
C GLY C 99 46.45 27.34 -32.17
N GLY C 100 46.04 27.75 -30.97
CA GLY C 100 46.50 29.01 -30.35
C GLY C 100 45.92 29.35 -28.98
N ALA C 101 45.22 28.38 -28.37
CA ALA C 101 44.64 28.53 -27.02
C ALA C 101 45.53 27.88 -25.94
N PRO C 102 45.51 28.43 -24.70
CA PRO C 102 46.36 27.89 -23.62
C PRO C 102 45.84 26.70 -22.80
N PHE C 103 44.52 26.52 -22.69
CA PHE C 103 43.94 25.62 -21.68
C PHE C 103 43.01 24.52 -22.22
N LYS C 104 42.59 23.62 -21.33
CA LYS C 104 41.77 22.45 -21.70
C LYS C 104 40.75 22.02 -20.62
N ILE C 105 39.72 21.25 -21.00
CA ILE C 105 38.52 21.01 -20.15
C ILE C 105 38.05 19.57 -19.93
N ILE C 106 37.61 19.27 -18.71
CA ILE C 106 37.01 17.97 -18.36
C ILE C 106 35.72 18.18 -17.59
N PHE C 107 34.64 17.56 -18.05
CA PHE C 107 33.29 17.70 -17.45
C PHE C 107 32.94 16.50 -16.58
N LEU C 108 32.26 16.75 -15.47
CA LEU C 108 32.08 15.70 -14.47
C LEU C 108 30.64 15.72 -13.95
N ASP C 109 29.77 14.96 -14.60
CA ASP C 109 28.33 14.95 -14.27
C ASP C 109 28.17 14.25 -12.94
N GLU C 110 27.17 14.67 -12.17
CA GLU C 110 26.75 13.98 -10.94
C GLU C 110 27.76 14.06 -9.81
N ALA C 111 28.56 15.12 -9.81
CA ALA C 111 29.56 15.36 -8.77
C ALA C 111 29.02 15.16 -7.38
N ASP C 112 27.84 15.70 -7.13
CA ASP C 112 27.25 15.63 -5.79
C ASP C 112 26.74 14.26 -5.40
N ALA C 113 27.43 13.22 -5.80
CA ALA C 113 27.07 11.87 -5.38
C ALA C 113 28.18 11.26 -4.53
N LEU C 114 29.33 11.91 -4.50
CA LEU C 114 30.52 11.33 -3.90
C LEU C 114 30.68 11.72 -2.44
N THR C 115 31.32 10.87 -1.66
CA THR C 115 31.74 11.19 -0.28
C THR C 115 33.10 11.92 -0.28
N ALA C 116 33.34 12.68 0.79
CA ALA C 116 34.51 13.57 0.92
C ALA C 116 35.77 13.23 0.10
N ASP C 117 36.18 11.97 0.15
CA ASP C 117 37.52 11.54 -0.32
C ASP C 117 37.85 11.80 -1.81
N ALA C 118 37.06 11.19 -2.69
CA ALA C 118 37.27 11.30 -4.15
C ALA C 118 37.30 12.77 -4.59
N GLN C 119 36.55 13.59 -3.86
CA GLN C 119 36.48 15.03 -4.06
C GLN C 119 37.89 15.67 -3.99
N ALA C 120 38.69 15.25 -3.01
CA ALA C 120 40.04 15.75 -2.86
C ALA C 120 40.91 15.50 -4.10
N ALA C 121 40.85 14.28 -4.66
CA ALA C 121 41.78 13.89 -5.76
C ALA C 121 41.77 14.82 -6.96
N LEU C 122 40.73 15.64 -7.03
CA LEU C 122 40.62 16.73 -7.99
C LEU C 122 41.81 17.67 -7.81
N ARG C 123 42.09 17.98 -6.54
CA ARG C 123 42.92 19.12 -6.11
C ARG C 123 44.38 19.09 -6.57
N ARG C 124 44.92 17.89 -6.78
CA ARG C 124 46.33 17.73 -7.17
C ARG C 124 46.51 17.67 -8.70
N THR C 125 45.61 18.40 -9.37
CA THR C 125 45.58 18.56 -10.81
C THR C 125 44.94 19.94 -11.08
N MET C 126 44.51 20.58 -9.99
CA MET C 126 44.03 21.97 -10.02
C MET C 126 45.24 22.92 -10.06
N GLU C 127 46.02 22.91 -8.98
CA GLU C 127 47.27 23.69 -8.88
C GLU C 127 48.42 23.10 -9.73
N MET C 128 48.27 21.85 -10.14
CA MET C 128 49.21 21.21 -11.06
C MET C 128 48.81 21.50 -12.52
N TYR C 129 47.50 21.58 -12.77
CA TYR C 129 46.96 21.95 -14.09
C TYR C 129 45.91 23.07 -14.04
N SER C 130 46.38 24.30 -13.79
CA SER C 130 45.59 25.52 -14.06
C SER C 130 46.35 26.37 -15.08
N LYS C 131 47.53 25.91 -15.46
CA LYS C 131 48.26 26.41 -16.63
C LYS C 131 48.08 25.42 -17.80
N SER C 132 47.10 24.51 -17.67
CA SER C 132 46.77 23.49 -18.71
C SER C 132 45.35 22.88 -18.68
N CYS C 133 44.97 22.29 -17.53
CA CYS C 133 43.66 21.61 -17.38
C CYS C 133 42.62 22.39 -16.59
N ARG C 134 41.36 22.03 -16.79
CA ARG C 134 40.25 22.63 -16.07
C ARG C 134 39.08 21.68 -15.95
N PHE C 135 38.38 21.77 -14.82
CA PHE C 135 37.23 20.94 -14.56
C PHE C 135 35.94 21.72 -14.57
N ILE C 136 34.87 21.09 -15.08
CA ILE C 136 33.53 21.62 -14.94
C ILE C 136 32.68 20.58 -14.21
N LEU C 137 32.27 20.94 -13.00
CA LEU C 137 31.53 20.07 -12.10
C LEU C 137 30.03 20.35 -12.11
N SER C 138 29.24 19.33 -12.43
CA SER C 138 27.79 19.48 -12.45
C SER C 138 27.20 18.81 -11.25
N CYS C 139 26.28 19.50 -10.59
CA CYS C 139 25.69 18.97 -9.37
C CYS C 139 24.26 19.49 -9.16
N ASN C 140 23.44 18.64 -8.56
CA ASN C 140 22.06 19.02 -8.35
C ASN C 140 21.97 20.22 -7.40
N TYR C 141 22.86 20.26 -6.40
CA TYR C 141 22.87 21.39 -5.43
C TYR C 141 24.27 21.73 -5.03
N VAL C 142 24.53 23.02 -4.83
CA VAL C 142 25.87 23.44 -4.47
C VAL C 142 26.17 22.96 -3.06
N SER C 143 25.21 23.14 -2.17
CA SER C 143 25.32 22.70 -0.79
C SER C 143 25.95 21.32 -0.61
N ARG C 144 25.85 20.46 -1.62
CA ARG C 144 26.29 19.08 -1.45
C ARG C 144 27.75 18.80 -1.86
N ILE C 145 28.50 19.85 -2.22
CA ILE C 145 29.87 19.69 -2.65
C ILE C 145 30.79 20.32 -1.64
N ILE C 146 31.57 19.48 -0.96
CA ILE C 146 32.33 19.89 0.21
C ILE C 146 33.15 21.10 -0.08
N GLU C 147 33.19 22.00 0.89
CA GLU C 147 33.77 23.33 0.72
C GLU C 147 35.10 23.36 -0.02
N PRO C 148 36.11 22.59 0.44
CA PRO C 148 37.39 22.60 -0.24
C PRO C 148 37.38 22.62 -1.78
N ILE C 149 36.23 22.38 -2.42
CA ILE C 149 36.12 22.49 -3.90
C ILE C 149 35.45 23.76 -4.39
N GLN C 150 34.30 24.07 -3.82
CA GLN C 150 33.65 25.34 -4.04
C GLN C 150 34.69 26.43 -3.92
N SER C 151 35.66 26.16 -3.03
CA SER C 151 36.79 27.01 -2.79
C SER C 151 37.41 27.38 -4.12
N ARG C 152 37.86 26.39 -4.88
CA ARG C 152 38.49 26.63 -6.15
C ARG C 152 37.55 26.47 -7.33
N CYS C 153 36.37 27.07 -7.23
CA CYS C 153 35.43 27.02 -8.34
C CYS C 153 34.67 28.31 -8.50
N ALA C 154 34.59 28.80 -9.72
CA ALA C 154 33.61 29.80 -10.04
C ALA C 154 32.32 29.01 -10.12
N VAL C 155 31.24 29.57 -9.60
CA VAL C 155 30.00 28.81 -9.41
C VAL C 155 28.83 29.37 -10.18
N PHE C 156 28.03 28.48 -10.77
CA PHE C 156 26.90 28.93 -11.59
C PHE C 156 25.60 28.17 -11.28
N ARG C 157 24.57 28.90 -10.83
CA ARG C 157 23.30 28.27 -10.47
C ARG C 157 22.36 28.35 -11.65
N PHE C 158 22.17 27.21 -12.32
CA PHE C 158 21.15 27.04 -13.32
C PHE C 158 19.76 26.99 -12.69
N LYS C 159 18.84 27.70 -13.34
CA LYS C 159 17.50 27.77 -12.84
C LYS C 159 16.68 27.02 -13.83
N PRO C 160 15.56 26.43 -13.39
CA PRO C 160 14.61 25.77 -14.27
C PRO C 160 14.16 26.74 -15.32
N VAL C 161 14.29 26.32 -16.58
CA VAL C 161 14.09 27.21 -17.71
C VAL C 161 12.67 27.80 -17.78
N PRO C 162 12.59 29.13 -17.58
CA PRO C 162 11.34 29.81 -17.39
C PRO C 162 10.43 29.46 -18.53
N LYS C 163 9.17 29.86 -18.42
CA LYS C 163 8.16 29.52 -19.41
C LYS C 163 8.50 29.97 -20.83
N GLU C 164 8.51 31.29 -21.07
CA GLU C 164 8.62 31.86 -22.41
C GLU C 164 9.87 31.40 -23.13
N ALA C 165 10.97 31.40 -22.40
CA ALA C 165 12.26 31.07 -22.98
C ALA C 165 12.26 29.67 -23.57
N MET C 166 11.54 28.75 -22.93
CA MET C 166 11.43 27.38 -23.44
C MET C 166 10.41 27.34 -24.55
N LYS C 167 9.30 28.02 -24.31
CA LYS C 167 8.24 28.08 -25.29
C LYS C 167 8.80 28.64 -26.60
N LYS C 168 9.69 29.63 -26.54
CA LYS C 168 10.23 30.19 -27.77
C LYS C 168 11.11 29.19 -28.48
N ARG C 169 12.00 28.52 -27.74
CA ARG C 169 12.94 27.57 -28.35
C ARG C 169 12.20 26.30 -28.72
N LEU C 170 11.04 26.08 -28.16
CA LEU C 170 10.31 24.98 -28.66
C LEU C 170 9.88 25.32 -30.07
N LEU C 171 9.34 26.51 -30.26
CA LEU C 171 8.87 26.98 -31.58
C LEU C 171 9.92 26.94 -32.67
N GLU C 172 11.08 27.52 -32.38
CA GLU C 172 12.23 27.40 -33.28
C GLU C 172 12.46 25.93 -33.69
N ILE C 173 12.37 24.99 -32.74
CA ILE C 173 12.55 23.56 -33.03
C ILE C 173 11.46 23.07 -33.98
N CYS C 174 10.32 23.76 -34.02
CA CYS C 174 9.20 23.35 -34.85
C CYS C 174 9.23 24.00 -36.22
N GLU C 175 8.98 25.30 -36.24
CA GLU C 175 9.05 26.02 -37.49
C GLU C 175 10.14 25.37 -38.35
N LYS C 176 11.32 25.14 -37.79
CA LYS C 176 12.45 24.54 -38.53
C LYS C 176 12.35 23.02 -38.71
N GLU C 177 11.18 22.46 -38.46
CA GLU C 177 10.98 21.03 -38.60
C GLU C 177 9.61 20.75 -39.13
N GLY C 178 8.94 21.83 -39.55
CA GLY C 178 7.64 21.76 -40.20
C GLY C 178 6.62 20.97 -39.40
N VAL C 179 6.44 21.38 -38.15
CA VAL C 179 5.51 20.71 -37.27
C VAL C 179 4.60 21.78 -36.77
N LYS C 180 3.31 21.47 -36.73
CA LYS C 180 2.31 22.47 -36.40
C LYS C 180 1.84 22.29 -34.96
N ILE C 181 2.37 23.06 -34.01
CA ILE C 181 1.78 22.98 -32.65
C ILE C 181 0.69 24.01 -32.63
N THR C 182 -0.33 23.78 -31.82
CA THR C 182 -1.25 24.84 -31.51
C THR C 182 -0.75 25.55 -30.25
N GLU C 183 -1.43 26.64 -29.88
CA GLU C 183 -1.12 27.27 -28.61
C GLU C 183 -1.29 26.28 -27.51
N ASP C 184 -2.43 25.58 -27.52
CA ASP C 184 -2.76 24.48 -26.59
C ASP C 184 -1.65 23.49 -26.40
N GLY C 185 -1.18 22.96 -27.53
CA GLY C 185 -0.06 22.01 -27.61
C GLY C 185 1.18 22.52 -26.87
N LEU C 186 1.58 23.76 -27.20
CA LEU C 186 2.70 24.40 -26.52
C LEU C 186 2.55 24.37 -24.99
N GLU C 187 1.48 25.04 -24.53
CA GLU C 187 1.18 25.23 -23.11
C GLU C 187 1.08 23.88 -22.42
N ALA C 188 0.56 22.92 -23.16
CA ALA C 188 0.42 21.57 -22.64
C ALA C 188 1.81 20.94 -22.59
N LEU C 189 2.59 21.16 -23.68
CA LEU C 189 3.96 20.67 -23.77
C LEU C 189 4.88 21.22 -22.68
N ILE C 190 4.32 21.84 -21.64
CA ILE C 190 5.10 22.60 -20.71
C ILE C 190 4.57 22.27 -19.36
N TYR C 191 3.25 22.01 -19.31
CA TYR C 191 2.64 21.38 -18.12
C TYR C 191 3.49 20.13 -17.94
N ILE C 192 3.52 19.28 -18.99
CA ILE C 192 4.45 18.17 -19.15
C ILE C 192 5.89 18.42 -18.74
N SER C 193 6.52 19.38 -19.41
CA SER C 193 7.96 19.56 -19.35
C SER C 193 8.58 19.80 -17.96
N GLY C 194 7.80 20.22 -16.99
CA GLY C 194 8.33 20.43 -15.63
C GLY C 194 9.46 21.43 -15.58
N GLY C 195 9.71 22.02 -16.75
CA GLY C 195 10.78 22.99 -16.97
C GLY C 195 12.07 22.28 -17.23
N ASP C 196 11.99 21.23 -18.05
CA ASP C 196 13.08 20.30 -18.24
C ASP C 196 13.03 19.93 -19.69
N PHE C 197 13.96 20.49 -20.47
CA PHE C 197 13.91 20.39 -21.95
C PHE C 197 13.87 18.97 -22.49
N ARG C 198 14.78 18.14 -21.98
CA ARG C 198 14.89 16.78 -22.46
C ARG C 198 13.46 16.25 -22.53
N LYS C 199 12.76 16.35 -21.41
CA LYS C 199 11.38 15.88 -21.33
C LYS C 199 10.53 16.51 -22.43
N ALA C 200 10.65 17.83 -22.55
CA ALA C 200 9.88 18.65 -23.45
C ALA C 200 10.18 18.35 -24.92
N ILE C 201 11.45 18.44 -25.31
CA ILE C 201 11.85 18.23 -26.71
C ILE C 201 11.40 16.83 -27.12
N ASN C 202 12.01 15.82 -26.49
CA ASN C 202 11.61 14.43 -26.54
C ASN C 202 10.12 14.14 -26.74
N ALA C 203 9.27 14.89 -26.03
CA ALA C 203 7.84 14.65 -26.11
C ALA C 203 7.42 15.17 -27.42
N LEU C 204 7.78 16.43 -27.68
CA LEU C 204 7.41 17.12 -28.93
C LEU C 204 7.76 16.25 -30.15
N GLN C 205 9.02 15.84 -30.23
CA GLN C 205 9.50 14.76 -31.08
C GLN C 205 8.45 13.66 -31.31
N GLY C 206 7.97 13.09 -30.21
CA GLY C 206 7.06 11.94 -30.21
C GLY C 206 5.69 12.28 -30.74
N ALA C 207 5.30 13.55 -30.63
CA ALA C 207 4.07 14.03 -31.24
C ALA C 207 4.30 14.43 -32.72
N ALA C 208 5.50 14.89 -33.01
CA ALA C 208 5.82 15.26 -34.38
C ALA C 208 5.84 14.02 -35.24
N ALA C 209 6.34 12.92 -34.68
CA ALA C 209 6.43 11.62 -35.35
C ALA C 209 5.12 11.25 -36.04
N ILE C 210 4.01 11.52 -35.34
CA ILE C 210 2.68 11.12 -35.78
C ILE C 210 2.13 12.03 -36.90
N GLY C 211 0.81 12.03 -37.07
CA GLY C 211 0.18 12.82 -38.13
C GLY C 211 -0.10 14.25 -37.75
N GLU C 212 0.77 15.15 -38.20
CA GLU C 212 0.40 16.55 -38.33
C GLU C 212 0.05 17.22 -37.04
N VAL C 213 -1.04 17.98 -37.05
CA VAL C 213 -1.33 19.03 -36.05
C VAL C 213 -1.07 18.56 -34.63
N VAL C 214 -0.34 19.35 -33.86
CA VAL C 214 -0.02 18.96 -32.51
C VAL C 214 -0.90 19.67 -31.48
N ASP C 215 -1.87 18.92 -31.00
CA ASP C 215 -2.90 19.40 -30.11
C ASP C 215 -2.46 19.34 -28.67
N ALA C 216 -3.16 20.09 -27.83
CA ALA C 216 -3.13 19.91 -26.36
C ALA C 216 -3.13 18.42 -26.03
N ASP C 217 -4.11 17.70 -26.60
CA ASP C 217 -4.29 16.29 -26.33
C ASP C 217 -3.14 15.47 -26.87
N THR C 218 -2.84 15.62 -28.16
CA THR C 218 -1.83 14.74 -28.72
C THR C 218 -0.62 14.73 -27.77
N ILE C 219 -0.41 15.83 -27.05
CA ILE C 219 0.66 15.93 -26.05
C ILE C 219 0.38 15.16 -24.72
N TYR C 220 -0.74 15.43 -24.06
CA TYR C 220 -1.18 14.65 -22.89
C TYR C 220 -1.25 13.14 -23.11
N GLN C 221 -1.44 12.75 -24.35
CA GLN C 221 -1.48 11.36 -24.70
C GLN C 221 -0.09 10.80 -24.69
N ILE C 222 0.78 11.41 -25.51
CA ILE C 222 2.11 10.84 -25.76
C ILE C 222 2.97 10.67 -24.53
N THR C 223 2.64 11.42 -23.50
CA THR C 223 3.38 11.33 -22.30
C THR C 223 2.62 10.49 -21.29
N ALA C 224 1.37 10.12 -21.62
CA ALA C 224 0.45 9.50 -20.63
C ALA C 224 0.19 10.37 -19.41
N THR C 225 -0.89 11.14 -19.52
CA THR C 225 -1.50 11.79 -18.37
C THR C 225 -2.95 12.01 -18.64
N ALA C 226 -3.71 12.13 -17.56
CA ALA C 226 -5.10 12.55 -17.64
C ALA C 226 -5.13 13.74 -18.52
N ARG C 227 -6.08 13.71 -19.44
CA ARG C 227 -6.42 14.91 -20.22
C ARG C 227 -7.11 15.88 -19.24
N PRO C 228 -6.54 17.10 -19.12
CA PRO C 228 -7.15 18.10 -18.30
C PRO C 228 -8.61 18.36 -18.67
N GLU C 229 -8.98 18.15 -19.94
CA GLU C 229 -10.41 18.18 -20.29
C GLU C 229 -11.26 17.25 -19.42
N GLU C 230 -10.79 16.02 -19.21
CA GLU C 230 -11.54 15.00 -18.47
C GLU C 230 -11.79 15.37 -17.02
N MET C 231 -10.72 15.68 -16.29
CA MET C 231 -10.82 16.21 -14.94
C MET C 231 -11.92 17.25 -14.81
N THR C 232 -11.77 18.38 -15.51
CA THR C 232 -12.72 19.50 -15.36
C THR C 232 -14.07 19.14 -15.93
N GLU C 233 -14.17 17.96 -16.55
CA GLU C 233 -15.45 17.43 -17.00
C GLU C 233 -16.07 16.69 -15.83
N LEU C 234 -15.24 15.92 -15.14
CA LEU C 234 -15.74 15.15 -14.01
C LEU C 234 -16.07 16.09 -12.85
N ILE C 235 -15.20 17.05 -12.56
CA ILE C 235 -15.48 18.01 -11.48
C ILE C 235 -16.73 18.75 -11.86
N GLN C 236 -16.95 18.94 -13.16
CA GLN C 236 -18.15 19.65 -13.54
C GLN C 236 -19.35 18.77 -13.30
N THR C 237 -19.41 17.60 -13.96
CA THR C 237 -20.59 16.75 -13.84
C THR C 237 -20.82 16.36 -12.42
N ALA C 238 -19.84 16.58 -11.55
CA ALA C 238 -20.02 16.31 -10.14
C ALA C 238 -20.78 17.44 -9.48
N LEU C 239 -20.42 18.66 -9.90
CA LEU C 239 -20.96 19.86 -9.30
C LEU C 239 -22.37 20.00 -9.76
N LYS C 240 -22.66 19.47 -10.95
CA LYS C 240 -24.00 19.53 -11.49
C LYS C 240 -24.97 18.68 -10.67
N GLY C 241 -24.53 17.55 -10.16
CA GLY C 241 -25.39 16.78 -9.27
C GLY C 241 -25.40 15.32 -9.63
N ASN C 242 -24.90 15.02 -10.83
CA ASN C 242 -24.76 13.65 -11.32
C ASN C 242 -23.68 12.80 -10.62
N PHE C 243 -23.87 12.56 -9.33
CA PHE C 243 -22.89 11.80 -8.60
C PHE C 243 -22.46 10.45 -9.22
N MET C 244 -23.42 9.62 -9.62
CA MET C 244 -23.12 8.28 -10.14
C MET C 244 -22.35 8.42 -11.41
N GLU C 245 -22.67 9.43 -12.20
CA GLU C 245 -21.97 9.66 -13.44
C GLU C 245 -20.51 10.04 -13.15
N ALA C 246 -20.30 10.96 -12.21
CA ALA C 246 -18.96 11.38 -11.87
C ALA C 246 -18.13 10.18 -11.43
N ARG C 247 -18.74 9.36 -10.57
CA ARG C 247 -18.04 8.27 -9.93
C ARG C 247 -17.54 7.35 -11.01
N GLU C 248 -18.40 7.14 -11.99
CA GLU C 248 -18.12 6.39 -13.19
C GLU C 248 -16.88 6.92 -13.90
N LEU C 249 -16.86 8.22 -14.15
CA LEU C 249 -15.75 8.87 -14.85
C LEU C 249 -14.44 8.65 -14.17
N LEU C 250 -14.35 9.14 -12.93
CA LEU C 250 -13.19 8.99 -12.09
C LEU C 250 -12.67 7.55 -12.04
N ASP C 251 -13.59 6.58 -12.03
CA ASP C 251 -13.23 5.17 -12.09
C ASP C 251 -12.57 4.82 -13.40
N ARG C 252 -13.26 5.02 -14.52
CA ARG C 252 -12.65 4.77 -15.82
C ARG C 252 -11.32 5.47 -15.86
N LEU C 253 -11.36 6.67 -15.29
CA LEU C 253 -10.29 7.63 -15.42
C LEU C 253 -9.08 7.14 -14.71
N MET C 254 -9.35 6.49 -13.58
CA MET C 254 -8.28 5.97 -12.80
C MET C 254 -7.74 4.70 -13.37
N VAL C 255 -8.47 4.01 -14.24
CA VAL C 255 -7.79 2.91 -14.88
C VAL C 255 -7.17 3.26 -16.19
N GLU C 256 -7.84 4.08 -16.97
CA GLU C 256 -7.24 4.45 -18.24
C GLU C 256 -5.74 4.70 -18.00
N TYR C 257 -5.40 5.42 -16.94
CA TYR C 257 -4.00 5.78 -16.72
C TYR C 257 -3.38 5.21 -15.43
N GLY C 258 -4.24 4.77 -14.52
CA GLY C 258 -3.82 4.04 -13.34
C GLY C 258 -3.11 4.92 -12.35
N MET C 259 -3.78 5.96 -11.89
CA MET C 259 -3.15 6.95 -11.05
C MET C 259 -3.32 6.53 -9.64
N SER C 260 -2.45 7.03 -8.76
CA SER C 260 -2.57 6.82 -7.31
C SER C 260 -3.68 7.67 -6.76
N GLY C 261 -3.79 7.71 -5.45
CA GLY C 261 -4.85 8.50 -4.88
C GLY C 261 -4.32 9.90 -4.84
N GLU C 262 -3.09 10.00 -4.35
CA GLU C 262 -2.29 11.20 -4.38
C GLU C 262 -2.36 11.75 -5.78
N ASP C 263 -1.92 10.98 -6.75
CA ASP C 263 -1.97 11.43 -8.14
C ASP C 263 -3.29 12.02 -8.57
N ILE C 264 -4.40 11.38 -8.23
CA ILE C 264 -5.71 11.96 -8.60
C ILE C 264 -6.02 13.23 -7.82
N VAL C 265 -5.71 13.23 -6.52
CA VAL C 265 -5.97 14.40 -5.67
C VAL C 265 -5.18 15.58 -6.19
N ALA C 266 -4.01 15.28 -6.71
CA ALA C 266 -3.17 16.28 -7.32
C ALA C 266 -3.90 16.92 -8.51
N GLN C 267 -3.99 16.30 -9.67
CA GLN C 267 -4.82 16.90 -10.73
C GLN C 267 -6.18 17.43 -10.31
N LEU C 268 -6.84 16.79 -9.37
CA LEU C 268 -8.08 17.37 -8.89
C LEU C 268 -7.83 18.81 -8.48
N PHE C 269 -6.86 19.06 -7.57
CA PHE C 269 -6.31 20.39 -7.24
C PHE C 269 -6.09 21.29 -8.43
N ARG C 270 -5.04 21.06 -9.21
CA ARG C 270 -4.80 21.81 -10.47
C ARG C 270 -6.04 22.26 -11.20
N GLU C 271 -6.90 21.32 -11.50
CA GLU C 271 -8.05 21.70 -12.28
C GLU C 271 -9.15 22.33 -11.44
N ILE C 272 -9.03 22.24 -10.12
CA ILE C 272 -9.96 22.97 -9.28
C ILE C 272 -9.51 24.41 -9.30
N ILE C 273 -8.20 24.65 -9.35
CA ILE C 273 -7.62 26.01 -9.23
C ILE C 273 -7.87 26.75 -10.53
N SER C 274 -7.59 26.07 -11.61
CA SER C 274 -7.71 26.67 -12.93
C SER C 274 -9.09 26.44 -13.49
N MET C 275 -10.05 26.24 -12.58
CA MET C 275 -11.45 26.38 -12.95
C MET C 275 -11.63 27.87 -13.10
N PRO C 276 -12.60 28.30 -13.93
CA PRO C 276 -12.97 29.72 -13.90
C PRO C 276 -14.15 30.03 -12.95
N ILE C 277 -14.32 29.28 -11.88
CA ILE C 277 -15.40 29.58 -10.97
C ILE C 277 -14.95 30.64 -9.93
N LYS C 278 -15.90 31.12 -9.13
CA LYS C 278 -15.69 32.17 -8.14
C LYS C 278 -14.66 31.83 -7.10
N ASP C 279 -13.87 32.81 -6.71
CA ASP C 279 -13.00 32.71 -5.55
C ASP C 279 -13.72 32.38 -4.24
N SER C 280 -15.05 32.38 -4.28
CA SER C 280 -15.85 32.11 -3.08
C SER C 280 -16.09 30.59 -2.87
N LEU C 281 -16.38 29.90 -3.96
CA LEU C 281 -16.65 28.47 -3.94
C LEU C 281 -15.31 27.76 -3.97
N LYS C 282 -14.45 28.13 -4.92
CA LYS C 282 -13.11 27.55 -5.09
C LYS C 282 -12.44 27.23 -3.77
N VAL C 283 -12.67 28.07 -2.77
CA VAL C 283 -12.20 27.76 -1.43
C VAL C 283 -12.85 26.49 -0.91
N GLN C 284 -14.19 26.49 -0.82
CA GLN C 284 -14.93 25.35 -0.29
C GLN C 284 -14.31 24.10 -0.85
N LEU C 285 -14.23 24.03 -2.18
CA LEU C 285 -13.60 22.91 -2.86
C LEU C 285 -12.21 22.52 -2.33
N ILE C 286 -11.28 23.47 -2.36
CA ILE C 286 -9.93 23.19 -1.91
C ILE C 286 -9.83 22.87 -0.41
N ASP C 287 -10.63 23.55 0.41
CA ASP C 287 -10.63 23.26 1.81
C ASP C 287 -10.91 21.77 1.98
N LYS C 288 -11.94 21.27 1.30
CA LYS C 288 -12.35 19.87 1.41
C LYS C 288 -11.33 18.93 0.77
N LEU C 289 -10.85 19.24 -0.44
CA LEU C 289 -9.67 18.53 -1.01
C LEU C 289 -8.49 18.39 -0.09
N GLY C 290 -8.31 19.41 0.75
CA GLY C 290 -7.24 19.49 1.72
C GLY C 290 -7.49 18.44 2.72
N GLU C 291 -8.79 18.18 2.98
CA GLU C 291 -9.26 17.17 3.92
C GLU C 291 -9.05 15.77 3.42
N VAL C 292 -9.74 15.46 2.32
CA VAL C 292 -9.50 14.27 1.54
C VAL C 292 -8.03 13.89 1.55
N ASP C 293 -7.17 14.74 1.02
CA ASP C 293 -5.78 14.37 0.89
C ASP C 293 -5.18 14.01 2.22
N PHE C 294 -5.69 14.60 3.28
CA PHE C 294 -5.20 14.24 4.56
C PHE C 294 -5.63 12.82 4.80
N ARG C 295 -6.95 12.58 4.90
CA ARG C 295 -7.51 11.21 5.07
C ARG C 295 -6.64 10.20 4.38
N LEU C 296 -6.56 10.22 3.05
CA LEU C 296 -5.68 9.34 2.32
C LEU C 296 -4.31 9.14 2.94
N THR C 297 -3.60 10.19 3.33
CA THR C 297 -2.19 9.99 3.75
C THR C 297 -2.14 9.34 5.09
N GLU C 298 -3.19 9.56 5.88
CA GLU C 298 -3.40 8.82 7.11
C GLU C 298 -3.70 7.37 6.84
N GLY C 299 -3.86 7.02 5.58
CA GLY C 299 -4.15 5.65 5.18
C GLY C 299 -5.60 5.17 5.18
N ALA C 300 -6.57 6.08 5.20
CA ALA C 300 -7.96 5.69 5.01
C ALA C 300 -8.14 5.18 3.59
N ASN C 301 -9.38 5.00 3.17
CA ASN C 301 -9.59 4.29 1.92
C ASN C 301 -9.76 5.11 0.66
N GLU C 302 -8.79 4.97 -0.23
CA GLU C 302 -8.78 5.61 -1.54
C GLU C 302 -10.14 5.69 -2.21
N ARG C 303 -10.72 4.57 -2.59
CA ARG C 303 -11.99 4.63 -3.30
C ARG C 303 -13.03 5.38 -2.50
N ILE C 304 -13.02 5.21 -1.17
CA ILE C 304 -14.14 5.75 -0.40
C ILE C 304 -14.06 7.24 -0.20
N GLN C 305 -12.89 7.72 0.23
CA GLN C 305 -12.62 9.15 0.35
C GLN C 305 -12.77 9.93 -0.96
N LEU C 306 -12.27 9.37 -2.05
CA LEU C 306 -12.38 10.00 -3.33
C LEU C 306 -13.81 10.14 -3.71
N ASP C 307 -14.55 9.04 -3.84
CA ASP C 307 -15.98 9.11 -4.23
C ASP C 307 -16.72 9.99 -3.19
N ALA C 308 -16.24 9.90 -1.96
CA ALA C 308 -16.78 10.65 -0.85
C ALA C 308 -16.54 12.12 -1.05
N TYR C 309 -15.62 12.48 -1.94
CA TYR C 309 -15.40 13.88 -2.22
C TYR C 309 -16.16 14.27 -3.44
N LEU C 310 -16.46 13.35 -4.34
CA LEU C 310 -17.36 13.71 -5.42
C LEU C 310 -18.75 13.84 -4.84
N ALA C 311 -19.00 13.10 -3.76
CA ALA C 311 -20.21 13.26 -3.03
C ALA C 311 -20.24 14.70 -2.60
N TYR C 312 -19.20 15.16 -1.90
CA TYR C 312 -19.15 16.55 -1.41
C TYR C 312 -19.67 17.47 -2.48
N LEU C 313 -19.10 17.39 -3.67
CA LEU C 313 -19.35 18.39 -4.72
C LEU C 313 -20.79 18.39 -5.17
N SER C 314 -21.48 17.31 -4.92
CA SER C 314 -22.81 17.20 -5.45
C SER C 314 -23.82 17.55 -4.38
N THR C 315 -23.37 17.89 -3.19
CA THR C 315 -24.31 18.54 -2.31
C THR C 315 -24.45 19.98 -2.76
N LEU C 316 -23.34 20.65 -3.04
CA LEU C 316 -23.33 22.09 -3.41
C LEU C 316 -23.97 22.39 -4.78
N ALA C 317 -24.83 21.46 -5.24
CA ALA C 317 -25.70 21.64 -6.40
C ALA C 317 -26.66 22.83 -6.19
N LYS C 318 -27.36 22.82 -5.05
CA LYS C 318 -28.18 23.96 -4.60
C LYS C 318 -27.67 24.54 -3.24
N LYS C 319 -26.47 24.81 -3.07
PG ANP D . -6.06 -16.49 21.33
O1G ANP D . -5.10 -15.59 20.44
O2G ANP D . -5.67 -18.02 21.21
O3G ANP D . -7.59 -16.39 20.92
PB ANP D . -5.28 -16.93 24.36
O1B ANP D . -6.16 -16.48 25.60
O2B ANP D . -3.75 -16.61 24.72
N3B ANP D . -5.88 -15.96 22.99
PA ANP D . -6.86 -19.15 23.94
O1A ANP D . -7.77 -18.27 22.98
O2A ANP D . -6.62 -20.56 23.28
O3A ANP D . -5.42 -18.52 24.16
O5' ANP D . -7.51 -19.37 25.41
C5' ANP D . -7.12 -18.73 26.64
C4' ANP D . -7.18 -19.74 27.77
O4' ANP D . -8.54 -20.03 28.07
C3' ANP D . -6.55 -20.98 27.18
O3' ANP D . -5.30 -21.31 27.76
C2' ANP D . -7.66 -22.04 27.19
O2' ANP D . -7.37 -23.12 28.03
C1' ANP D . -8.91 -21.34 27.70
N9 ANP D . -9.66 -21.18 26.45
C8 ANP D . -9.72 -20.07 25.70
N7 ANP D . -10.48 -20.20 24.57
C5 ANP D . -10.92 -21.45 24.58
C6 ANP D . -11.78 -22.31 23.76
N6 ANP D . -12.33 -21.84 22.62
N1 ANP D . -12.00 -23.58 24.15
C2 ANP D . -11.47 -24.11 25.28
N3 ANP D . -10.69 -23.42 26.12
C4 ANP D . -10.39 -22.05 25.79
PG ANP E . 1.81 -8.75 -9.65
O1G ANP E . 2.75 -7.70 -8.92
O2G ANP E . 2.73 -9.70 -10.54
O3G ANP E . 0.69 -8.10 -10.58
PB ANP E . 2.30 -10.77 -7.78
O1B ANP E . 2.04 -10.99 -6.23
O2B ANP E . 3.66 -9.98 -8.02
N3B ANP E . 1.09 -9.73 -8.43
PA ANP E . 1.60 -12.26 -9.93
O1A ANP E . 0.42 -11.20 -10.06
O2A ANP E . 2.65 -11.97 -11.07
O3A ANP E . 2.34 -12.17 -8.53
O5' ANP E . 1.02 -13.75 -9.93
C5' ANP E . 0.07 -14.15 -8.98
C4' ANP E . -0.17 -15.61 -9.29
O4' ANP E . -1.44 -15.78 -9.91
C3' ANP E . 0.90 -16.06 -10.27
O3' ANP E . 2.00 -16.81 -9.76
C2' ANP E . 0.10 -16.60 -11.44
O2' ANP E . 0.20 -18.01 -11.45
C1' ANP E . -1.35 -16.32 -11.21
N9 ANP E . -1.55 -15.13 -12.05
C8 ANP E . -1.39 -13.88 -11.63
N7 ANP E . -1.61 -12.92 -12.59
C5 ANP E . -1.90 -13.57 -13.69
C6 ANP E . -2.25 -13.24 -15.07
N6 ANP E . -2.30 -11.96 -15.43
N1 ANP E . -2.51 -14.21 -15.93
C2 ANP E . -2.45 -15.49 -15.57
N3 ANP E . -2.15 -15.92 -14.34
C4 ANP E . -1.85 -14.96 -13.33
PG ANP F . 21.84 18.73 -17.10
O1G ANP F . 22.54 17.43 -16.50
O2G ANP F . 22.92 19.53 -17.95
O3G ANP F . 21.18 19.61 -15.95
PB ANP F . 21.10 17.12 -19.24
O1B ANP F . 20.25 15.78 -19.02
O2B ANP F . 22.64 16.99 -18.88
N3B ANP F . 20.57 18.38 -18.21
PA ANP F . 21.47 19.04 -21.00
O1A ANP F . 21.61 19.85 -19.64
O2A ANP F . 22.72 19.14 -21.99
O3A ANP F . 21.09 17.54 -20.76
O5' ANP F . 20.12 19.39 -21.77
C5' ANP F . 19.29 18.31 -22.21
C4' ANP F . 19.04 18.51 -23.69
O4' ANP F . 18.03 19.50 -23.87
C3' ANP F . 20.31 19.02 -24.32
O3' ANP F . 21.10 18.03 -25.01
C2' ANP F . 19.89 20.34 -24.98
O2' ANP F . 19.74 20.23 -26.38
C1' ANP F . 18.48 20.63 -24.58
N9 ANP F . 18.64 21.71 -23.59
C8 ANP F . 18.67 21.58 -22.25
N7 ANP F . 18.84 22.73 -21.56
C5 ANP F . 18.95 23.66 -22.48
C6 ANP F . 19.12 25.11 -22.52
N6 ANP F . 19.26 25.79 -21.37
N1 ANP F . 19.17 25.73 -23.72
C2 ANP F . 19.04 25.06 -24.90
N3 ANP F . 18.88 23.73 -24.98
C4 ANP F . 18.82 22.99 -23.75
#